data_4QDB
#
_entry.id   4QDB
#
_cell.length_a   100.959
_cell.length_b   201.556
_cell.length_c   90.924
_cell.angle_alpha   90.00
_cell.angle_beta   90.00
_cell.angle_gamma   90.00
#
_symmetry.space_group_name_H-M   'C 2 2 21'
#
loop_
_entity.id
_entity.type
_entity.pdbx_description
1 polymer 'Thioesterase PA1618'
2 water water
#
_entity_poly.entity_id   1
_entity_poly.type   'polypeptide(L)'
_entity_poly.pdbx_seq_one_letter_code
;MSLWRQTPDLEQLNASQKNSIGDLLGIRFEAFDDESLTASMPVDSRTHAPFGLLHGGASVVLAESLGSMASYLCVDTSQY
YCVGLEVNANHLRGLRSGRVTAVARAIHLGRTTHVWDIRLSGDDGKPSCIARLTMAVVPLAGRALEHHHHHH
;
_entity_poly.pdbx_strand_id   A,B,C,D,E,F
#
# COMPACT_ATOMS: atom_id res chain seq x y z
N SER A 2 -13.75 21.21 -31.47
CA SER A 2 -14.58 22.33 -31.87
C SER A 2 -15.98 21.90 -32.36
N LEU A 3 -16.29 20.63 -32.19
CA LEU A 3 -17.67 20.20 -32.37
C LEU A 3 -18.47 20.84 -31.25
N TRP A 4 -17.84 21.00 -30.10
CA TRP A 4 -18.55 21.38 -28.89
C TRP A 4 -18.89 22.85 -28.77
N ARG A 5 -20.01 23.13 -28.11
CA ARG A 5 -20.33 24.48 -27.72
C ARG A 5 -19.78 24.66 -26.32
N GLN A 6 -20.25 23.82 -25.41
CA GLN A 6 -19.65 23.77 -24.08
C GLN A 6 -18.47 22.81 -24.08
N THR A 7 -17.30 23.29 -23.66
CA THR A 7 -16.13 22.43 -23.61
C THR A 7 -16.36 21.28 -22.62
N PRO A 8 -16.17 20.03 -23.09
CA PRO A 8 -16.38 18.88 -22.20
C PRO A 8 -15.51 18.97 -20.95
N ASP A 9 -16.16 18.85 -19.80
CA ASP A 9 -15.49 18.80 -18.51
C ASP A 9 -15.83 17.41 -17.94
N LEU A 10 -14.85 16.50 -17.95
CA LEU A 10 -15.13 15.10 -17.63
C LEU A 10 -15.64 14.92 -16.20
N GLU A 11 -15.03 15.65 -15.26
CA GLU A 11 -15.43 15.57 -13.85
C GLU A 11 -16.88 15.97 -13.69
N GLN A 12 -17.25 17.04 -14.38
CA GLN A 12 -18.60 17.53 -14.24
C GLN A 12 -19.59 16.60 -14.96
N LEU A 13 -19.21 16.09 -16.13
CA LEU A 13 -20.02 15.08 -16.83
C LEU A 13 -20.33 13.91 -15.89
N ASN A 14 -19.28 13.34 -15.32
CA ASN A 14 -19.44 12.25 -14.38
C ASN A 14 -20.26 12.63 -13.16
N ALA A 15 -19.98 13.80 -12.59
CA ALA A 15 -20.69 14.24 -11.40
C ALA A 15 -22.19 14.42 -11.68
N SER A 16 -22.51 14.86 -12.89
CA SER A 16 -23.89 15.18 -13.25
C SER A 16 -24.75 13.90 -13.30
N GLN A 17 -24.10 12.74 -13.32
CA GLN A 17 -24.86 11.49 -13.39
C GLN A 17 -25.36 11.04 -12.03
N LYS A 18 -25.03 11.82 -11.01
CA LYS A 18 -25.33 11.43 -9.63
C LYS A 18 -26.81 11.10 -9.51
N ASN A 19 -27.11 10.00 -8.84
CA ASN A 19 -28.49 9.55 -8.64
C ASN A 19 -29.26 9.34 -9.95
N SER A 20 -28.57 8.90 -11.00
CA SER A 20 -29.28 8.47 -12.20
C SER A 20 -28.80 7.08 -12.62
N ILE A 21 -29.39 6.52 -13.67
CA ILE A 21 -29.04 5.16 -14.09
C ILE A 21 -27.56 5.03 -14.43
N GLY A 22 -26.99 6.09 -15.02
CA GLY A 22 -25.60 6.08 -15.43
C GLY A 22 -24.63 5.86 -14.29
N ASP A 23 -24.96 6.47 -13.15
CA ASP A 23 -24.16 6.29 -11.95
C ASP A 23 -24.36 4.87 -11.44
N LEU A 24 -25.59 4.38 -11.53
CA LEU A 24 -25.95 3.08 -11.03
C LEU A 24 -25.22 2.00 -11.81
N LEU A 25 -24.96 2.26 -13.09
CA LEU A 25 -24.37 1.25 -13.95
C LEU A 25 -22.87 1.39 -14.09
N GLY A 26 -22.29 2.43 -13.50
CA GLY A 26 -20.85 2.60 -13.55
C GLY A 26 -20.33 3.23 -14.82
N ILE A 27 -21.22 3.90 -15.56
CA ILE A 27 -20.82 4.59 -16.76
C ILE A 27 -19.87 5.72 -16.38
N ARG A 28 -18.76 5.81 -17.11
CA ARG A 28 -17.78 6.84 -16.83
C ARG A 28 -17.37 7.54 -18.11
N PHE A 29 -17.47 8.88 -18.13
CA PHE A 29 -16.97 9.64 -19.27
C PHE A 29 -15.46 9.69 -19.17
N GLU A 30 -14.78 9.27 -20.24
CA GLU A 30 -13.35 8.94 -20.18
C GLU A 30 -12.43 9.92 -20.93
N ALA A 31 -12.83 10.33 -22.13
CA ALA A 31 -11.98 11.14 -22.99
C ALA A 31 -12.84 11.95 -23.94
N PHE A 32 -12.25 12.97 -24.55
CA PHE A 32 -12.91 13.65 -25.66
C PHE A 32 -11.87 14.27 -26.56
N ASP A 33 -12.25 14.61 -27.78
CA ASP A 33 -11.42 15.47 -28.60
C ASP A 33 -12.31 16.41 -29.39
N ASP A 34 -11.77 17.03 -30.43
CA ASP A 34 -12.56 18.00 -31.19
C ASP A 34 -13.74 17.36 -31.91
N GLU A 35 -13.69 16.04 -32.12
CA GLU A 35 -14.70 15.36 -32.93
C GLU A 35 -15.44 14.24 -32.22
N SER A 36 -15.12 13.97 -30.96
CA SER A 36 -15.68 12.80 -30.30
C SER A 36 -15.70 12.91 -28.78
N LEU A 37 -16.53 12.07 -28.17
CA LEU A 37 -16.67 11.95 -26.73
C LEU A 37 -16.73 10.44 -26.44
N THR A 38 -16.05 10.02 -25.38
CA THR A 38 -15.89 8.60 -25.07
C THR A 38 -16.33 8.30 -23.64
N ALA A 39 -17.13 7.24 -23.46
CA ALA A 39 -17.46 6.74 -22.13
C ALA A 39 -17.33 5.23 -22.08
N SER A 40 -17.10 4.68 -20.89
CA SER A 40 -17.03 3.23 -20.73
C SER A 40 -17.98 2.78 -19.64
N MET A 41 -18.23 1.48 -19.59
CA MET A 41 -19.19 0.92 -18.65
C MET A 41 -18.73 -0.48 -18.28
N PRO A 42 -18.89 -0.86 -17.00
CA PRO A 42 -18.41 -2.20 -16.63
C PRO A 42 -19.30 -3.29 -17.22
N VAL A 43 -18.70 -4.43 -17.56
CA VAL A 43 -19.50 -5.59 -17.90
C VAL A 43 -19.47 -6.55 -16.71
N ASP A 44 -20.48 -6.46 -15.86
CA ASP A 44 -20.59 -7.36 -14.73
C ASP A 44 -22.05 -7.57 -14.37
N SER A 45 -22.33 -7.94 -13.13
CA SER A 45 -23.69 -8.24 -12.70
C SER A 45 -24.66 -7.06 -12.86
N ARG A 46 -24.15 -5.83 -12.71
CA ARG A 46 -24.99 -4.63 -12.88
C ARG A 46 -25.53 -4.52 -14.29
N THR A 47 -24.77 -5.05 -15.25
CA THR A 47 -25.08 -4.82 -16.66
C THR A 47 -25.37 -6.11 -17.43
N HIS A 48 -25.08 -7.25 -16.83
CA HIS A 48 -25.37 -8.57 -17.43
C HIS A 48 -26.86 -8.81 -17.67
N ALA A 49 -27.18 -9.51 -18.75
CA ALA A 49 -28.48 -10.19 -18.91
C ALA A 49 -28.39 -11.51 -18.13
N PRO A 50 -29.54 -12.21 -17.92
CA PRO A 50 -29.50 -13.43 -17.10
C PRO A 50 -28.50 -14.52 -17.51
N PHE A 51 -28.07 -14.60 -18.77
CA PHE A 51 -27.07 -15.60 -19.14
C PHE A 51 -25.62 -15.16 -19.02
N GLY A 52 -25.40 -14.03 -18.36
CA GLY A 52 -24.05 -13.61 -18.04
C GLY A 52 -23.34 -12.87 -19.15
N LEU A 53 -24.07 -12.56 -20.22
CA LEU A 53 -23.59 -11.68 -21.29
C LEU A 53 -24.10 -10.25 -21.07
N LEU A 54 -23.29 -9.25 -21.44
CA LEU A 54 -23.76 -7.86 -21.41
C LEU A 54 -25.13 -7.74 -22.07
N HIS A 55 -26.08 -7.17 -21.33
CA HIS A 55 -27.45 -6.96 -21.80
C HIS A 55 -27.40 -5.98 -22.96
N GLY A 56 -28.12 -6.28 -24.04
CA GLY A 56 -28.10 -5.44 -25.22
C GLY A 56 -28.67 -4.07 -24.92
N GLY A 57 -29.56 -4.01 -23.92
CA GLY A 57 -30.16 -2.75 -23.57
C GLY A 57 -29.18 -1.90 -22.81
N ALA A 58 -28.25 -2.56 -22.12
CA ALA A 58 -27.22 -1.86 -21.38
C ALA A 58 -26.27 -1.14 -22.35
N SER A 59 -25.96 -1.82 -23.46
CA SER A 59 -25.20 -1.17 -24.54
C SER A 59 -25.90 0.12 -24.93
N VAL A 60 -27.22 0.06 -25.01
CA VAL A 60 -28.00 1.20 -25.45
C VAL A 60 -28.11 2.28 -24.38
N VAL A 61 -28.09 1.88 -23.11
CA VAL A 61 -28.00 2.87 -22.04
C VAL A 61 -26.69 3.63 -22.16
N LEU A 62 -25.60 2.91 -22.38
CA LEU A 62 -24.30 3.56 -22.56
C LEU A 62 -24.35 4.51 -23.76
N ALA A 63 -24.83 4.02 -24.90
CA ALA A 63 -24.82 4.81 -26.13
C ALA A 63 -25.70 6.04 -25.99
N GLU A 64 -26.88 5.84 -25.44
CA GLU A 64 -27.82 6.95 -25.31
C GLU A 64 -27.38 7.95 -24.22
N SER A 65 -26.74 7.48 -23.16
CA SER A 65 -26.15 8.37 -22.15
C SER A 65 -25.07 9.24 -22.78
N LEU A 66 -24.25 8.60 -23.61
CA LEU A 66 -23.12 9.26 -24.23
C LEU A 66 -23.61 10.27 -25.27
N GLY A 67 -24.45 9.81 -26.18
CA GLY A 67 -25.06 10.67 -27.19
C GLY A 67 -25.85 11.84 -26.64
N SER A 68 -26.64 11.62 -25.60
CA SER A 68 -27.47 12.71 -25.06
C SER A 68 -26.58 13.74 -24.37
N MET A 69 -25.57 13.26 -23.67
CA MET A 69 -24.60 14.16 -23.07
C MET A 69 -23.88 14.97 -24.15
N ALA A 70 -23.41 14.29 -25.19
CA ALA A 70 -22.81 14.98 -26.33
C ALA A 70 -23.75 16.07 -26.90
N SER A 71 -25.04 15.75 -27.03
CA SER A 71 -26.00 16.74 -27.50
C SER A 71 -26.08 17.93 -26.57
N TYR A 72 -26.11 17.68 -25.27
CA TYR A 72 -26.11 18.80 -24.33
C TYR A 72 -24.90 19.73 -24.44
N LEU A 73 -23.77 19.18 -24.85
CA LEU A 73 -22.56 19.97 -25.03
C LEU A 73 -22.56 20.76 -26.32
N CYS A 74 -23.61 20.57 -27.13
CA CYS A 74 -23.65 21.17 -28.48
C CYS A 74 -24.81 22.14 -28.70
N VAL A 75 -25.68 22.29 -27.71
CA VAL A 75 -26.74 23.27 -27.82
C VAL A 75 -26.56 24.41 -26.84
N ASP A 76 -27.31 25.47 -27.06
CA ASP A 76 -27.42 26.61 -26.15
C ASP A 76 -28.37 26.22 -25.03
N THR A 77 -27.79 25.82 -23.90
CA THR A 77 -28.55 25.26 -22.79
C THR A 77 -29.42 26.26 -22.01
N SER A 78 -29.34 27.55 -22.38
CA SER A 78 -30.23 28.54 -21.77
C SER A 78 -31.46 28.70 -22.64
N GLN A 79 -31.37 28.16 -23.86
CA GLN A 79 -32.45 28.25 -24.84
C GLN A 79 -33.10 26.88 -25.12
N TYR A 80 -32.31 25.81 -25.05
CA TYR A 80 -32.80 24.47 -25.41
C TYR A 80 -32.43 23.38 -24.44
N TYR A 81 -33.20 22.30 -24.46
CA TYR A 81 -32.75 21.03 -23.89
C TYR A 81 -32.91 19.96 -24.97
N CYS A 82 -32.51 18.74 -24.66
CA CYS A 82 -32.44 17.67 -25.65
C CYS A 82 -33.02 16.40 -25.06
N VAL A 83 -33.85 15.71 -25.82
CA VAL A 83 -34.36 14.41 -25.39
C VAL A 83 -34.14 13.39 -26.51
N GLY A 84 -34.03 12.11 -26.14
CA GLY A 84 -33.88 11.08 -27.14
C GLY A 84 -35.13 11.01 -28.00
N LEU A 85 -34.97 10.81 -29.30
CA LEU A 85 -36.13 10.70 -30.19
C LEU A 85 -36.22 9.31 -30.80
N GLU A 86 -35.11 8.85 -31.37
CA GLU A 86 -35.04 7.52 -31.94
C GLU A 86 -33.67 6.97 -31.61
N VAL A 87 -33.63 5.67 -31.35
CA VAL A 87 -32.37 4.98 -31.14
C VAL A 87 -32.44 3.60 -31.76
N ASN A 88 -31.31 3.15 -32.30
CA ASN A 88 -31.23 1.79 -32.84
C ASN A 88 -29.82 1.26 -32.68
N ALA A 89 -29.68 -0.06 -32.71
CA ALA A 89 -28.37 -0.66 -32.49
C ALA A 89 -28.32 -2.05 -33.08
N ASN A 90 -27.15 -2.42 -33.61
CA ASN A 90 -26.89 -3.80 -33.95
C ASN A 90 -25.97 -4.35 -32.88
N HIS A 91 -26.30 -5.51 -32.35
CA HIS A 91 -25.45 -6.17 -31.38
C HIS A 91 -24.54 -7.11 -32.17
N LEU A 92 -23.23 -6.92 -32.06
CA LEU A 92 -22.29 -7.56 -32.97
C LEU A 92 -21.60 -8.74 -32.32
N ARG A 93 -21.13 -8.55 -31.09
CA ARG A 93 -20.39 -9.59 -30.35
C ARG A 93 -20.77 -9.55 -28.88
N GLY A 94 -20.82 -10.71 -28.23
CA GLY A 94 -21.19 -10.76 -26.81
C GLY A 94 -20.01 -10.45 -25.90
N LEU A 95 -20.27 -9.84 -24.75
CA LEU A 95 -19.19 -9.53 -23.80
C LEU A 95 -19.57 -10.13 -22.46
N ARG A 96 -18.59 -10.69 -21.76
CA ARG A 96 -18.87 -11.35 -20.47
C ARG A 96 -18.23 -10.60 -19.29
N SER A 97 -17.09 -9.97 -19.53
CA SER A 97 -16.39 -9.27 -18.46
C SER A 97 -15.56 -8.12 -19.03
N GLY A 98 -14.82 -7.43 -18.17
CA GLY A 98 -14.05 -6.26 -18.58
C GLY A 98 -14.93 -5.03 -18.61
N ARG A 99 -14.62 -4.08 -19.48
CA ARG A 99 -15.51 -2.94 -19.71
C ARG A 99 -15.90 -2.87 -21.18
N VAL A 100 -17.00 -2.18 -21.47
CA VAL A 100 -17.31 -1.85 -22.86
C VAL A 100 -17.12 -0.35 -23.04
N THR A 101 -16.42 0.01 -24.14
CA THR A 101 -16.11 1.41 -24.40
C THR A 101 -16.85 1.93 -25.64
N ALA A 102 -17.49 3.08 -25.48
CA ALA A 102 -18.27 3.70 -26.55
C ALA A 102 -17.65 5.04 -26.97
N VAL A 103 -17.62 5.27 -28.28
CA VAL A 103 -17.16 6.54 -28.81
C VAL A 103 -18.29 7.15 -29.64
N ALA A 104 -18.63 8.40 -29.38
CA ALA A 104 -19.69 9.09 -30.13
C ALA A 104 -19.10 10.13 -31.06
N ARG A 105 -19.57 10.12 -32.31
CA ARG A 105 -19.19 11.14 -33.29
C ARG A 105 -20.47 11.67 -33.96
N ALA A 106 -20.42 12.93 -34.39
CA ALA A 106 -21.61 13.56 -34.96
C ALA A 106 -21.82 13.13 -36.38
N ILE A 107 -23.05 12.73 -36.73
CA ILE A 107 -23.43 12.54 -38.14
C ILE A 107 -24.04 13.83 -38.69
N HIS A 108 -24.89 14.44 -37.90
CA HIS A 108 -25.59 15.66 -38.30
C HIS A 108 -26.05 16.38 -37.05
N LEU A 109 -25.70 17.65 -36.94
CA LEU A 109 -26.24 18.49 -35.87
C LEU A 109 -27.09 19.57 -36.54
N GLY A 110 -28.41 19.38 -36.50
CA GLY A 110 -29.31 20.31 -37.13
C GLY A 110 -29.90 21.22 -36.08
N ARG A 111 -30.81 22.10 -36.48
CA ARG A 111 -31.48 22.98 -35.53
C ARG A 111 -32.49 22.29 -34.63
N THR A 112 -33.16 21.27 -35.14
CA THR A 112 -34.20 20.57 -34.36
C THR A 112 -33.85 19.12 -34.01
N THR A 113 -32.83 18.56 -34.69
CA THR A 113 -32.38 17.20 -34.39
C THR A 113 -30.85 17.03 -34.44
N HIS A 114 -30.34 16.05 -33.71
CA HIS A 114 -28.94 15.66 -33.80
C HIS A 114 -28.93 14.18 -34.08
N VAL A 115 -28.02 13.75 -34.93
CA VAL A 115 -27.84 12.33 -35.15
C VAL A 115 -26.40 11.98 -34.78
N TRP A 116 -26.23 10.99 -33.90
CA TRP A 116 -24.92 10.58 -33.41
C TRP A 116 -24.60 9.16 -33.84
N ASP A 117 -23.36 8.91 -34.25
CA ASP A 117 -22.90 7.56 -34.53
C ASP A 117 -22.10 7.09 -33.31
N ILE A 118 -22.50 5.98 -32.70
CA ILE A 118 -21.83 5.50 -31.48
C ILE A 118 -21.29 4.08 -31.67
N ARG A 119 -19.98 3.91 -31.46
CA ARG A 119 -19.29 2.64 -31.70
C ARG A 119 -18.82 2.05 -30.39
N LEU A 120 -19.21 0.80 -30.14
CA LEU A 120 -18.85 0.14 -28.89
C LEU A 120 -17.91 -1.03 -29.15
N SER A 121 -17.02 -1.28 -28.20
CA SER A 121 -16.11 -2.40 -28.28
C SER A 121 -15.72 -2.83 -26.88
N GLY A 122 -15.39 -4.12 -26.73
CA GLY A 122 -14.90 -4.61 -25.46
C GLY A 122 -13.40 -4.36 -25.34
N ASP A 123 -12.80 -4.85 -24.27
CA ASP A 123 -11.38 -4.59 -24.01
C ASP A 123 -10.42 -5.24 -25.01
N ASP A 124 -10.92 -6.12 -25.86
CA ASP A 124 -10.08 -6.69 -26.92
C ASP A 124 -10.12 -5.82 -28.18
N GLY A 125 -10.91 -4.74 -28.13
CA GLY A 125 -10.95 -3.77 -29.21
C GLY A 125 -11.83 -4.18 -30.38
N LYS A 126 -12.47 -5.33 -30.29
CA LYS A 126 -13.35 -5.77 -31.37
C LYS A 126 -14.73 -5.15 -31.23
N PRO A 127 -15.31 -4.72 -32.36
CA PRO A 127 -16.64 -4.09 -32.32
C PRO A 127 -17.66 -4.99 -31.65
N SER A 128 -18.29 -4.50 -30.58
CA SER A 128 -19.29 -5.27 -29.85
C SER A 128 -20.70 -4.81 -30.19
N CYS A 129 -20.84 -3.55 -30.60
CA CYS A 129 -22.17 -2.99 -30.90
C CYS A 129 -21.99 -1.67 -31.67
N ILE A 130 -22.96 -1.36 -32.53
CA ILE A 130 -23.00 -0.05 -33.17
C ILE A 130 -24.39 0.52 -32.97
N ALA A 131 -24.47 1.81 -32.64
CA ALA A 131 -25.76 2.44 -32.40
C ALA A 131 -25.90 3.72 -33.23
N ARG A 132 -27.12 4.09 -33.59
CA ARG A 132 -27.36 5.45 -34.11
C ARG A 132 -28.45 6.10 -33.27
N LEU A 133 -28.18 7.31 -32.80
CA LEU A 133 -29.09 7.99 -31.88
C LEU A 133 -29.57 9.30 -32.49
N THR A 134 -30.88 9.49 -32.51
CA THR A 134 -31.46 10.75 -32.94
C THR A 134 -31.99 11.48 -31.71
N MET A 135 -31.46 12.67 -31.45
CA MET A 135 -31.92 13.48 -30.32
C MET A 135 -32.83 14.56 -30.85
N ALA A 136 -33.88 14.90 -30.12
CA ALA A 136 -34.66 16.10 -30.44
C ALA A 136 -34.15 17.30 -29.65
N VAL A 137 -33.98 18.42 -30.35
CA VAL A 137 -33.55 19.66 -29.71
C VAL A 137 -34.80 20.48 -29.40
N VAL A 138 -35.09 20.70 -28.12
CA VAL A 138 -36.37 21.27 -27.69
C VAL A 138 -36.22 22.58 -26.91
N PRO A 139 -36.96 23.63 -27.32
CA PRO A 139 -36.97 24.91 -26.57
C PRO A 139 -37.70 24.82 -25.24
N LEU A 140 -37.07 25.24 -24.15
CA LEU A 140 -37.71 25.22 -22.83
C LEU A 140 -38.98 26.09 -22.80
N SER B 2 7.04 -24.11 8.63
CA SER B 2 6.67 -23.79 7.26
C SER B 2 5.21 -24.15 7.05
N LEU B 3 4.90 -25.40 7.37
CA LEU B 3 3.53 -25.88 7.38
C LEU B 3 2.78 -25.18 8.52
N TRP B 4 3.47 -25.04 9.65
CA TRP B 4 2.83 -24.71 10.90
C TRP B 4 2.49 -23.23 11.06
N ARG B 5 1.37 -22.96 11.73
CA ARG B 5 1.05 -21.60 12.12
C ARG B 5 1.64 -21.40 13.50
N GLN B 6 1.28 -22.28 14.42
CA GLN B 6 1.86 -22.31 15.75
C GLN B 6 3.04 -23.29 15.75
N THR B 7 4.21 -22.82 16.17
CA THR B 7 5.36 -23.70 16.22
C THR B 7 5.11 -24.81 17.23
N PRO B 8 5.20 -26.07 16.77
CA PRO B 8 4.95 -27.17 17.71
C PRO B 8 5.91 -27.09 18.88
N ASP B 9 5.39 -27.23 20.09
CA ASP B 9 6.24 -27.44 21.26
C ASP B 9 5.87 -28.81 21.80
N LEU B 10 6.82 -29.75 21.72
CA LEU B 10 6.53 -31.14 22.05
C LEU B 10 5.99 -31.39 23.47
N GLU B 11 6.50 -30.66 24.45
CA GLU B 11 6.01 -30.80 25.83
C GLU B 11 4.57 -30.30 25.96
N GLN B 12 4.29 -29.16 25.35
CA GLN B 12 2.94 -28.62 25.37
C GLN B 12 1.99 -29.63 24.72
N LEU B 13 2.42 -30.20 23.60
CA LEU B 13 1.60 -31.19 22.89
C LEU B 13 1.27 -32.35 23.81
N ASN B 14 2.30 -32.93 24.39
CA ASN B 14 2.07 -34.01 25.33
C ASN B 14 1.18 -33.60 26.51
N ALA B 15 1.45 -32.45 27.12
CA ALA B 15 0.69 -32.05 28.30
C ALA B 15 -0.79 -31.80 28.00
N SER B 16 -1.08 -31.23 26.83
CA SER B 16 -2.46 -30.97 26.42
C SER B 16 -3.30 -32.25 26.38
N GLN B 17 -2.64 -33.40 26.32
CA GLN B 17 -3.32 -34.70 26.22
C GLN B 17 -3.84 -35.21 27.55
N LYS B 18 -3.45 -34.55 28.63
CA LYS B 18 -3.81 -34.99 29.99
C LYS B 18 -5.32 -35.23 30.13
N ASN B 19 -5.69 -36.32 30.79
CA ASN B 19 -7.09 -36.67 31.01
C ASN B 19 -7.87 -36.94 29.73
N SER B 20 -7.18 -37.40 28.69
CA SER B 20 -7.85 -37.83 27.46
C SER B 20 -7.27 -39.18 27.02
N ILE B 21 -7.89 -39.80 26.02
CA ILE B 21 -7.48 -41.15 25.59
C ILE B 21 -5.98 -41.26 25.24
N GLY B 22 -5.45 -40.22 24.62
CA GLY B 22 -4.03 -40.19 24.27
C GLY B 22 -3.11 -40.30 25.47
N ASP B 23 -3.53 -39.67 26.56
CA ASP B 23 -2.82 -39.79 27.83
C ASP B 23 -2.88 -41.24 28.30
N LEU B 24 -4.08 -41.81 28.26
CA LEU B 24 -4.31 -43.16 28.75
C LEU B 24 -3.53 -44.19 27.95
N LEU B 25 -3.47 -44.02 26.63
CA LEU B 25 -2.84 -45.02 25.76
C LEU B 25 -1.34 -44.82 25.63
N GLY B 26 -0.83 -43.73 26.20
CA GLY B 26 0.60 -43.49 26.21
C GLY B 26 1.13 -42.89 24.93
N ILE B 27 0.26 -42.23 24.18
CA ILE B 27 0.66 -41.56 22.94
C ILE B 27 1.61 -40.41 23.27
N ARG B 28 2.73 -40.34 22.56
CA ARG B 28 3.76 -39.36 22.83
C ARG B 28 4.17 -38.64 21.57
N PHE B 29 4.08 -37.31 21.57
CA PHE B 29 4.60 -36.53 20.46
C PHE B 29 6.12 -36.44 20.55
N GLU B 30 6.78 -36.85 19.46
CA GLU B 30 8.20 -37.19 19.47
C GLU B 30 9.07 -36.19 18.71
N ALA B 31 8.55 -35.68 17.61
CA ALA B 31 9.38 -34.90 16.69
C ALA B 31 8.54 -34.11 15.70
N PHE B 32 9.17 -33.11 15.09
CA PHE B 32 8.56 -32.37 13.99
C PHE B 32 9.62 -31.73 13.13
N ASP B 33 9.33 -31.56 11.84
CA ASP B 33 10.14 -30.66 11.03
C ASP B 33 9.22 -29.66 10.33
N ASP B 34 9.73 -28.97 9.32
CA ASP B 34 8.90 -28.00 8.60
C ASP B 34 7.73 -28.67 7.86
N GLU B 35 7.83 -29.98 7.66
CA GLU B 35 6.91 -30.72 6.80
C GLU B 35 6.07 -31.79 7.51
N SER B 36 6.36 -32.08 8.77
CA SER B 36 5.74 -33.24 9.39
C SER B 36 5.69 -33.17 10.90
N LEU B 37 4.86 -34.02 11.49
CA LEU B 37 4.74 -34.15 12.93
C LEU B 37 4.75 -35.66 13.22
N THR B 38 5.41 -36.05 14.29
CA THR B 38 5.59 -37.47 14.61
C THR B 38 5.12 -37.75 16.03
N ALA B 39 4.44 -38.87 16.23
CA ALA B 39 4.09 -39.32 17.57
C ALA B 39 4.26 -40.82 17.60
N SER B 40 4.37 -41.39 18.80
CA SER B 40 4.45 -42.84 18.93
C SER B 40 3.48 -43.32 20.02
N MET B 41 3.32 -44.62 20.12
CA MET B 41 2.37 -45.21 21.05
C MET B 41 2.87 -46.62 21.36
N PRO B 42 2.77 -47.05 22.63
CA PRO B 42 3.23 -48.39 22.98
C PRO B 42 2.31 -49.48 22.44
N VAL B 43 2.91 -50.63 22.15
CA VAL B 43 2.13 -51.81 21.82
C VAL B 43 2.21 -52.76 23.01
N ASP B 44 1.22 -52.66 23.89
CA ASP B 44 1.14 -53.54 25.06
C ASP B 44 -0.32 -53.75 25.38
N SER B 45 -0.60 -54.22 26.59
CA SER B 45 -1.97 -54.60 26.94
C SER B 45 -2.95 -53.43 26.82
N ARG B 46 -2.45 -52.19 26.91
CA ARG B 46 -3.31 -51.01 26.76
C ARG B 46 -3.83 -50.85 25.34
N THR B 47 -3.05 -51.32 24.37
CA THR B 47 -3.36 -51.11 22.95
C THR B 47 -3.60 -52.41 22.16
N HIS B 48 -3.48 -53.55 22.84
CA HIS B 48 -3.63 -54.86 22.20
C HIS B 48 -5.11 -55.16 21.94
N ALA B 49 -5.36 -55.86 20.85
CA ALA B 49 -6.63 -56.57 20.68
C ALA B 49 -6.50 -57.87 21.51
N PRO B 50 -7.63 -58.56 21.80
CA PRO B 50 -7.57 -59.73 22.69
C PRO B 50 -6.55 -60.78 22.26
N PHE B 51 -6.33 -60.90 20.96
CA PHE B 51 -5.35 -61.85 20.42
C PHE B 51 -3.88 -61.37 20.52
N GLY B 52 -3.66 -60.25 21.21
CA GLY B 52 -2.31 -59.80 21.51
C GLY B 52 -1.59 -59.10 20.37
N LEU B 53 -2.33 -58.76 19.32
CA LEU B 53 -1.82 -57.86 18.28
C LEU B 53 -2.33 -56.45 18.53
N LEU B 54 -1.52 -55.44 18.21
CA LEU B 54 -1.98 -54.05 18.25
C LEU B 54 -3.36 -53.95 17.60
N HIS B 55 -4.33 -53.43 18.35
CA HIS B 55 -5.69 -53.28 17.86
C HIS B 55 -5.68 -52.31 16.66
N GLY B 56 -6.47 -52.63 15.63
CA GLY B 56 -6.54 -51.79 14.45
C GLY B 56 -7.07 -50.41 14.79
N GLY B 57 -7.97 -50.34 15.76
CA GLY B 57 -8.57 -49.08 16.16
C GLY B 57 -7.56 -48.22 16.89
N ALA B 58 -6.64 -48.88 17.59
CA ALA B 58 -5.58 -48.16 18.31
C ALA B 58 -4.63 -47.43 17.34
N SER B 59 -4.26 -48.07 16.23
CA SER B 59 -3.51 -47.39 15.19
C SER B 59 -4.26 -46.13 14.78
N VAL B 60 -5.57 -46.22 14.69
CA VAL B 60 -6.41 -45.11 14.23
C VAL B 60 -6.56 -44.01 15.28
N VAL B 61 -6.60 -44.40 16.55
CA VAL B 61 -6.48 -43.43 17.64
C VAL B 61 -5.19 -42.61 17.52
N LEU B 62 -4.07 -43.29 17.31
CA LEU B 62 -2.79 -42.61 17.10
C LEU B 62 -2.84 -41.71 15.87
N ALA B 63 -3.28 -42.25 14.74
CA ALA B 63 -3.34 -41.47 13.50
C ALA B 63 -4.21 -40.23 13.67
N GLU B 64 -5.36 -40.41 14.32
CA GLU B 64 -6.31 -39.31 14.43
C GLU B 64 -5.91 -38.30 15.53
N SER B 65 -5.27 -38.77 16.60
CA SER B 65 -4.66 -37.88 17.60
C SER B 65 -3.57 -37.04 16.96
N LEU B 66 -2.73 -37.70 16.16
CA LEU B 66 -1.64 -37.02 15.47
C LEU B 66 -2.19 -36.01 14.45
N GLY B 67 -3.11 -36.47 13.61
CA GLY B 67 -3.68 -35.60 12.59
C GLY B 67 -4.45 -34.41 13.15
N SER B 68 -5.27 -34.66 14.17
CA SER B 68 -6.10 -33.58 14.71
C SER B 68 -5.19 -32.55 15.35
N MET B 69 -4.13 -33.01 16.01
CA MET B 69 -3.17 -32.10 16.61
C MET B 69 -2.49 -31.24 15.54
N ALA B 70 -2.02 -31.89 14.47
CA ALA B 70 -1.43 -31.18 13.33
C ALA B 70 -2.35 -30.07 12.79
N SER B 71 -3.62 -30.39 12.60
CA SER B 71 -4.60 -29.39 12.18
C SER B 71 -4.68 -28.20 13.13
N TYR B 72 -4.71 -28.48 14.43
CA TYR B 72 -4.77 -27.40 15.40
C TYR B 72 -3.56 -26.46 15.33
N LEU B 73 -2.43 -27.01 14.92
CA LEU B 73 -1.21 -26.24 14.77
C LEU B 73 -1.20 -25.47 13.45
N CYS B 74 -2.22 -25.68 12.62
CA CYS B 74 -2.26 -25.03 11.30
C CYS B 74 -3.43 -24.05 11.11
N VAL B 75 -4.25 -23.88 12.13
CA VAL B 75 -5.36 -22.94 12.05
C VAL B 75 -5.24 -21.82 13.09
N ASP B 76 -5.97 -20.74 12.87
CA ASP B 76 -6.04 -19.68 13.85
C ASP B 76 -7.08 -20.07 14.89
N THR B 77 -6.59 -20.55 16.04
CA THR B 77 -7.43 -21.17 17.05
C THR B 77 -8.24 -20.15 17.86
N SER B 78 -8.09 -18.87 17.54
CA SER B 78 -8.95 -17.84 18.13
C SER B 78 -10.17 -17.62 17.23
N GLN B 79 -10.15 -18.20 16.05
CA GLN B 79 -11.28 -18.12 15.12
C GLN B 79 -11.88 -19.50 14.79
N TYR B 80 -11.02 -20.52 14.75
CA TYR B 80 -11.44 -21.83 14.26
C TYR B 80 -11.08 -22.96 15.21
N TYR B 81 -11.90 -24.00 15.23
CA TYR B 81 -11.45 -25.28 15.80
C TYR B 81 -11.59 -26.37 14.73
N CYS B 82 -11.15 -27.57 15.07
CA CYS B 82 -11.03 -28.63 14.09
C CYS B 82 -11.58 -29.92 14.64
N VAL B 83 -12.43 -30.60 13.88
CA VAL B 83 -12.88 -31.92 14.30
C VAL B 83 -12.74 -32.96 13.18
N GLY B 84 -12.66 -34.24 13.56
CA GLY B 84 -12.53 -35.30 12.58
C GLY B 84 -13.79 -35.42 11.73
N LEU B 85 -13.62 -35.57 10.42
CA LEU B 85 -14.78 -35.72 9.52
C LEU B 85 -14.84 -37.13 8.92
N GLU B 86 -13.73 -37.57 8.35
CA GLU B 86 -13.62 -38.93 7.82
C GLU B 86 -12.23 -39.46 8.12
N VAL B 87 -12.12 -40.76 8.35
CA VAL B 87 -10.83 -41.36 8.57
C VAL B 87 -10.86 -42.72 7.89
N ASN B 88 -9.74 -43.12 7.30
CA ASN B 88 -9.62 -44.48 6.77
C ASN B 88 -8.21 -45.02 6.96
N ALA B 89 -8.09 -46.34 6.95
CA ALA B 89 -6.79 -46.96 7.24
C ALA B 89 -6.70 -48.35 6.63
N ASN B 90 -5.55 -48.65 6.03
CA ASN B 90 -5.22 -50.02 5.67
C ASN B 90 -4.26 -50.57 6.72
N HIS B 91 -4.61 -51.69 7.32
CA HIS B 91 -3.72 -52.37 8.25
C HIS B 91 -2.79 -53.32 7.45
N LEU B 92 -1.48 -53.15 7.62
CA LEU B 92 -0.50 -53.78 6.73
C LEU B 92 0.25 -54.97 7.34
N ARG B 93 0.68 -54.82 8.59
CA ARG B 93 1.43 -55.87 9.30
C ARG B 93 1.00 -55.85 10.75
N GLY B 94 0.99 -57.00 11.41
CA GLY B 94 0.64 -57.03 12.83
C GLY B 94 1.81 -56.64 13.72
N LEU B 95 1.51 -56.11 14.90
CA LEU B 95 2.58 -55.72 15.84
C LEU B 95 2.25 -56.30 17.20
N ARG B 96 3.26 -56.83 17.89
CA ARG B 96 3.05 -57.45 19.20
C ARG B 96 3.67 -56.67 20.35
N SER B 97 4.80 -56.02 20.10
CA SER B 97 5.47 -55.31 21.19
C SER B 97 6.30 -54.14 20.70
N GLY B 98 6.90 -53.40 21.63
CA GLY B 98 7.65 -52.23 21.28
C GLY B 98 6.70 -51.06 21.11
N ARG B 99 7.00 -50.16 20.19
CA ARG B 99 6.11 -49.03 19.94
C ARG B 99 5.73 -48.95 18.47
N VAL B 100 4.59 -48.34 18.18
CA VAL B 100 4.24 -48.00 16.81
C VAL B 100 4.40 -46.48 16.64
N THR B 101 5.07 -46.08 15.56
CA THR B 101 5.37 -44.66 15.29
C THR B 101 4.63 -44.15 14.04
N ALA B 102 3.97 -43.01 14.18
CA ALA B 102 3.20 -42.40 13.08
C ALA B 102 3.80 -41.07 12.63
N VAL B 103 3.89 -40.87 11.32
CA VAL B 103 4.35 -39.59 10.79
C VAL B 103 3.24 -39.02 9.94
N ALA B 104 2.86 -37.78 10.22
CA ALA B 104 1.80 -37.12 9.47
C ALA B 104 2.39 -36.03 8.57
N ARG B 105 1.94 -36.02 7.31
CA ARG B 105 2.33 -35.01 6.33
C ARG B 105 1.06 -34.48 5.70
N ALA B 106 1.10 -33.24 5.20
CA ALA B 106 -0.11 -32.61 4.69
C ALA B 106 -0.38 -33.04 3.25
N ILE B 107 -1.59 -33.48 2.96
CA ILE B 107 -2.02 -33.63 1.56
C ILE B 107 -2.64 -32.36 1.00
N HIS B 108 -3.47 -31.72 1.82
CA HIS B 108 -4.15 -30.50 1.40
C HIS B 108 -4.66 -29.78 2.63
N LEU B 109 -4.30 -28.50 2.76
CA LEU B 109 -4.80 -27.71 3.87
C LEU B 109 -5.68 -26.62 3.26
N GLY B 110 -7.00 -26.84 3.32
CA GLY B 110 -7.94 -25.94 2.71
C GLY B 110 -8.54 -25.02 3.74
N ARG B 111 -9.53 -24.23 3.32
CA ARG B 111 -10.21 -23.30 4.22
C ARG B 111 -11.21 -23.99 5.12
N THR B 112 -11.84 -25.06 4.61
CA THR B 112 -12.84 -25.79 5.39
C THR B 112 -12.42 -27.23 5.71
N THR B 113 -11.45 -27.77 4.97
CA THR B 113 -10.95 -29.12 5.28
C THR B 113 -9.43 -29.25 5.26
N HIS B 114 -8.91 -30.20 6.04
CA HIS B 114 -7.52 -30.61 5.97
C HIS B 114 -7.48 -32.09 5.66
N VAL B 115 -6.54 -32.52 4.82
CA VAL B 115 -6.36 -33.94 4.56
C VAL B 115 -4.94 -34.31 4.96
N TRP B 116 -4.79 -35.33 5.82
CA TRP B 116 -3.49 -35.74 6.34
C TRP B 116 -3.17 -37.15 5.90
N ASP B 117 -1.94 -37.33 5.42
CA ASP B 117 -1.38 -38.64 5.11
C ASP B 117 -0.58 -39.11 6.33
N ILE B 118 -0.96 -40.24 6.91
CA ILE B 118 -0.29 -40.71 8.12
C ILE B 118 0.28 -42.13 7.92
N ARG B 119 1.60 -42.27 8.08
CA ARG B 119 2.31 -43.53 7.91
C ARG B 119 2.74 -44.09 9.26
N LEU B 120 2.41 -45.35 9.54
CA LEU B 120 2.74 -45.98 10.81
C LEU B 120 3.66 -47.17 10.59
N SER B 121 4.58 -47.38 11.52
CA SER B 121 5.50 -48.51 11.45
C SER B 121 5.92 -48.96 12.85
N GLY B 122 6.22 -50.25 12.99
CA GLY B 122 6.77 -50.78 14.23
C GLY B 122 8.25 -50.49 14.34
N ASP B 123 8.90 -51.01 15.39
CA ASP B 123 10.30 -50.68 15.67
C ASP B 123 11.29 -51.26 14.67
N ASP B 124 10.86 -52.23 13.87
CA ASP B 124 11.69 -52.74 12.78
C ASP B 124 11.62 -51.83 11.55
N GLY B 125 10.78 -50.80 11.63
CA GLY B 125 10.67 -49.82 10.56
C GLY B 125 9.81 -50.22 9.36
N LYS B 126 9.25 -51.42 9.39
CA LYS B 126 8.37 -51.85 8.29
C LYS B 126 7.01 -51.19 8.46
N PRO B 127 6.42 -50.72 7.34
CA PRO B 127 5.09 -50.10 7.43
C PRO B 127 4.07 -51.07 8.05
N SER B 128 3.35 -50.59 9.05
CA SER B 128 2.37 -51.43 9.74
C SER B 128 0.95 -50.99 9.44
N CYS B 129 0.79 -49.71 9.13
CA CYS B 129 -0.53 -49.19 8.85
C CYS B 129 -0.37 -47.90 8.07
N ILE B 130 -1.31 -47.61 7.19
CA ILE B 130 -1.37 -46.30 6.55
C ILE B 130 -2.78 -45.78 6.72
N ALA B 131 -2.90 -44.47 6.97
CA ALA B 131 -4.19 -43.85 7.23
C ALA B 131 -4.27 -42.55 6.46
N ARG B 132 -5.50 -42.14 6.14
CA ARG B 132 -5.74 -40.78 5.64
C ARG B 132 -6.85 -40.19 6.48
N LEU B 133 -6.66 -38.95 6.92
CA LEU B 133 -7.60 -38.34 7.82
C LEU B 133 -8.10 -37.04 7.23
N THR B 134 -9.42 -36.89 7.18
CA THR B 134 -10.03 -35.64 6.76
C THR B 134 -10.59 -34.90 7.98
N MET B 135 -10.08 -33.70 8.22
CA MET B 135 -10.49 -32.88 9.37
C MET B 135 -11.40 -31.79 8.86
N ALA B 136 -12.43 -31.45 9.61
CA ALA B 136 -13.23 -30.25 9.29
C ALA B 136 -12.69 -29.03 10.05
N VAL B 137 -12.60 -27.90 9.36
CA VAL B 137 -12.17 -26.65 9.99
C VAL B 137 -13.41 -25.81 10.24
N VAL B 138 -13.79 -25.67 11.52
CA VAL B 138 -15.05 -25.04 11.90
C VAL B 138 -14.86 -23.69 12.61
N PRO B 139 -15.50 -22.63 12.09
CA PRO B 139 -15.57 -21.29 12.70
C PRO B 139 -16.21 -21.30 14.09
N LEU B 140 -15.60 -20.60 15.03
CA LEU B 140 -16.07 -20.53 16.41
C LEU B 140 -17.43 -19.83 16.57
N SER C 2 20.01 16.05 -12.46
CA SER C 2 20.91 15.00 -12.92
C SER C 2 20.45 14.44 -14.27
N LEU C 3 21.32 14.53 -15.26
CA LEU C 3 21.11 13.97 -16.61
C LEU C 3 19.98 14.66 -17.38
N TRP C 4 20.13 15.94 -17.66
CA TRP C 4 19.14 16.64 -18.45
C TRP C 4 19.15 16.11 -19.88
N ARG C 5 18.00 16.14 -20.53
CA ARG C 5 17.90 15.68 -21.90
C ARG C 5 18.45 16.76 -22.83
N GLN C 6 18.15 18.00 -22.50
CA GLN C 6 18.76 19.16 -23.13
C GLN C 6 19.07 20.15 -22.01
N THR C 7 20.01 21.06 -22.24
CA THR C 7 20.36 22.09 -21.27
C THR C 7 19.13 22.86 -20.81
N PRO C 8 18.93 22.97 -19.48
CA PRO C 8 17.74 23.67 -18.99
C PRO C 8 17.78 25.17 -19.27
N ASP C 9 16.62 25.79 -19.27
CA ASP C 9 16.51 27.21 -19.57
C ASP C 9 15.69 27.86 -18.45
N LEU C 10 16.40 28.40 -17.44
CA LEU C 10 15.77 28.89 -16.22
C LEU C 10 14.65 29.88 -16.47
N GLU C 11 14.84 30.73 -17.48
CA GLU C 11 13.80 31.69 -17.86
C GLU C 11 12.57 30.95 -18.36
N GLN C 12 12.80 29.94 -19.18
CA GLN C 12 11.72 29.16 -19.78
C GLN C 12 10.93 28.42 -18.70
N LEU C 13 11.65 27.80 -17.78
CA LEU C 13 11.05 27.15 -16.61
C LEU C 13 10.13 28.11 -15.88
N ASN C 14 10.62 29.31 -15.60
CA ASN C 14 9.86 30.31 -14.86
C ASN C 14 8.62 30.79 -15.60
N ALA C 15 8.76 30.95 -16.92
CA ALA C 15 7.67 31.45 -17.75
C ALA C 15 6.51 30.46 -17.82
N SER C 16 6.84 29.18 -17.85
CA SER C 16 5.82 28.13 -18.00
C SER C 16 4.86 28.08 -16.82
N GLN C 17 5.26 28.69 -15.69
CA GLN C 17 4.48 28.65 -14.45
C GLN C 17 3.31 29.63 -14.38
N LYS C 18 3.26 30.59 -15.30
CA LYS C 18 2.28 31.66 -15.21
C LYS C 18 0.87 31.11 -15.16
N ASN C 19 0.03 31.75 -14.34
CA ASN C 19 -1.35 31.33 -14.11
C ASN C 19 -1.46 29.99 -13.38
N SER C 20 -0.42 29.60 -12.66
CA SER C 20 -0.46 28.37 -11.88
C SER C 20 0.01 28.59 -10.45
N ILE C 21 -0.19 27.59 -9.59
CA ILE C 21 0.10 27.75 -8.17
C ILE C 21 1.54 28.23 -7.92
N GLY C 22 2.48 27.75 -8.72
CA GLY C 22 3.88 28.14 -8.59
C GLY C 22 4.10 29.65 -8.71
N ASP C 23 3.52 30.23 -9.75
CA ASP C 23 3.52 31.68 -9.92
C ASP C 23 2.92 32.34 -8.68
N LEU C 24 1.71 31.89 -8.32
CA LEU C 24 0.97 32.44 -7.18
C LEU C 24 1.77 32.48 -5.87
N LEU C 25 2.57 31.46 -5.63
CA LEU C 25 3.36 31.35 -4.40
C LEU C 25 4.76 31.94 -4.57
N GLY C 26 5.07 32.45 -5.76
CA GLY C 26 6.35 33.11 -5.98
C GLY C 26 7.51 32.15 -6.13
N ILE C 27 7.24 30.94 -6.62
CA ILE C 27 8.31 29.96 -6.84
C ILE C 27 9.17 30.43 -7.99
N ARG C 28 10.48 30.35 -7.79
CA ARG C 28 11.45 30.87 -8.75
C ARG C 28 12.50 29.80 -8.98
N PHE C 29 12.62 29.35 -10.22
CA PHE C 29 13.71 28.45 -10.59
C PHE C 29 14.99 29.27 -10.68
N GLU C 30 15.99 28.87 -9.89
CA GLU C 30 17.15 29.70 -9.58
C GLU C 30 18.42 29.28 -10.29
N ALA C 31 18.64 27.97 -10.39
CA ALA C 31 19.94 27.49 -10.84
C ALA C 31 19.89 26.03 -11.25
N PHE C 32 20.94 25.59 -11.93
CA PHE C 32 21.13 24.17 -12.24
C PHE C 32 22.61 23.88 -12.44
N ASP C 33 22.98 22.60 -12.31
CA ASP C 33 24.26 22.13 -12.82
C ASP C 33 24.05 20.77 -13.49
N ASP C 34 25.10 19.98 -13.64
CA ASP C 34 24.96 18.68 -14.28
C ASP C 34 24.10 17.70 -13.48
N GLU C 35 24.08 17.86 -12.16
CA GLU C 35 23.44 16.87 -11.29
C GLU C 35 22.21 17.39 -10.52
N SER C 36 21.84 18.65 -10.71
CA SER C 36 20.85 19.25 -9.83
C SER C 36 20.10 20.41 -10.45
N LEU C 37 18.90 20.66 -9.93
CA LEU C 37 18.10 21.81 -10.31
C LEU C 37 17.60 22.47 -9.02
N THR C 38 17.61 23.79 -9.00
CA THR C 38 17.32 24.56 -7.77
C THR C 38 16.18 25.55 -7.96
N ALA C 39 15.25 25.56 -7.01
CA ALA C 39 14.19 26.57 -7.00
C ALA C 39 14.03 27.09 -5.60
N SER C 40 13.49 28.31 -5.46
CA SER C 40 13.21 28.85 -4.14
C SER C 40 11.79 29.40 -4.11
N MET C 41 11.32 29.66 -2.91
CA MET C 41 9.98 30.17 -2.70
C MET C 41 10.06 31.06 -1.47
N PRO C 42 9.30 32.17 -1.48
CA PRO C 42 9.23 33.06 -0.32
C PRO C 42 8.45 32.44 0.84
N VAL C 43 8.93 32.70 2.05
CA VAL C 43 8.20 32.36 3.26
C VAL C 43 7.50 33.62 3.77
N ASP C 44 6.25 33.78 3.39
CA ASP C 44 5.48 34.94 3.82
C ASP C 44 4.01 34.55 3.93
N SER C 45 3.11 35.51 4.06
CA SER C 45 1.71 35.17 4.30
C SER C 45 1.10 34.30 3.19
N ARG C 46 1.72 34.28 2.02
CA ARG C 46 1.24 33.41 0.92
C ARG C 46 1.50 31.94 1.24
N THR C 47 2.50 31.65 2.06
CA THR C 47 3.00 30.28 2.23
C THR C 47 2.98 29.84 3.69
N HIS C 48 2.69 30.78 4.58
CA HIS C 48 2.56 30.50 6.01
C HIS C 48 1.33 29.64 6.29
N ALA C 49 1.42 28.83 7.34
CA ALA C 49 0.26 28.22 7.97
C ALA C 49 -0.24 29.26 8.99
N PRO C 50 -1.39 29.02 9.65
CA PRO C 50 -1.96 30.08 10.49
C PRO C 50 -1.10 30.53 11.68
N PHE C 51 -0.16 29.71 12.13
CA PHE C 51 0.71 30.11 13.22
C PHE C 51 1.90 30.96 12.74
N GLY C 52 1.92 31.28 11.45
CA GLY C 52 2.95 32.15 10.92
C GLY C 52 4.26 31.46 10.61
N LEU C 53 4.24 30.12 10.57
CA LEU C 53 5.39 29.35 10.06
C LEU C 53 5.03 28.81 8.66
N LEU C 54 6.06 28.55 7.85
CA LEU C 54 5.88 27.94 6.55
C LEU C 54 5.01 26.68 6.68
N HIS C 55 3.93 26.62 5.90
CA HIS C 55 3.06 25.46 5.87
C HIS C 55 3.85 24.28 5.30
N GLY C 56 3.84 23.14 6.00
CA GLY C 56 4.52 21.96 5.51
C GLY C 56 4.06 21.57 4.12
N GLY C 57 2.82 21.89 3.79
CA GLY C 57 2.29 21.60 2.47
C GLY C 57 2.93 22.48 1.41
N ALA C 58 3.26 23.71 1.82
CA ALA C 58 3.88 24.65 0.91
C ALA C 58 5.25 24.12 0.52
N SER C 59 5.99 23.56 1.48
CA SER C 59 7.27 22.90 1.17
C SER C 59 7.09 21.81 0.12
N VAL C 60 6.01 21.03 0.26
CA VAL C 60 5.71 19.97 -0.69
C VAL C 60 5.34 20.52 -2.07
N VAL C 61 4.57 21.59 -2.10
CA VAL C 61 4.34 22.29 -3.38
C VAL C 61 5.64 22.65 -4.09
N LEU C 62 6.57 23.24 -3.34
CA LEU C 62 7.85 23.64 -3.93
C LEU C 62 8.59 22.39 -4.40
N ALA C 63 8.68 21.41 -3.51
CA ALA C 63 9.35 20.17 -3.86
C ALA C 63 8.71 19.49 -5.06
N GLU C 64 7.37 19.45 -5.10
CA GLU C 64 6.73 18.73 -6.21
C GLU C 64 6.80 19.52 -7.53
N SER C 65 6.70 20.85 -7.45
CA SER C 65 6.96 21.74 -8.59
C SER C 65 8.33 21.54 -9.22
N LEU C 66 9.34 21.57 -8.35
CA LEU C 66 10.73 21.44 -8.76
C LEU C 66 10.97 20.05 -9.33
N GLY C 67 10.53 19.04 -8.59
CA GLY C 67 10.69 17.65 -9.01
C GLY C 67 10.06 17.32 -10.34
N SER C 68 8.85 17.80 -10.60
CA SER C 68 8.19 17.49 -11.88
C SER C 68 8.84 18.26 -13.03
N MET C 69 9.25 19.49 -12.78
CA MET C 69 9.94 20.28 -13.79
C MET C 69 11.22 19.55 -14.21
N ALA C 70 11.95 19.04 -13.23
CA ALA C 70 13.15 18.26 -13.50
C ALA C 70 12.88 17.01 -14.33
N SER C 71 11.72 16.38 -14.13
CA SER C 71 11.33 15.20 -14.91
C SER C 71 11.03 15.56 -16.36
N TYR C 72 10.33 16.68 -16.55
CA TYR C 72 10.10 17.20 -17.88
C TYR C 72 11.42 17.52 -18.59
N LEU C 73 12.44 17.91 -17.82
CA LEU C 73 13.75 18.24 -18.40
C LEU C 73 14.48 16.97 -18.84
N CYS C 74 14.01 15.82 -18.37
CA CYS C 74 14.72 14.57 -18.65
C CYS C 74 14.02 13.71 -19.69
N VAL C 75 12.89 14.17 -20.21
CA VAL C 75 12.17 13.42 -21.24
C VAL C 75 11.90 14.27 -22.48
N ASP C 76 11.72 13.60 -23.61
CA ASP C 76 11.28 14.26 -24.83
C ASP C 76 9.84 14.73 -24.65
N THR C 77 9.63 16.02 -24.32
CA THR C 77 8.28 16.51 -24.03
C THR C 77 7.35 16.60 -25.24
N SER C 78 7.77 16.06 -26.37
CA SER C 78 6.91 15.98 -27.55
C SER C 78 6.47 14.53 -27.68
N GLN C 79 6.99 13.70 -26.78
CA GLN C 79 6.73 12.27 -26.78
C GLN C 79 6.14 11.78 -25.45
N TYR C 80 6.49 12.44 -24.36
CA TYR C 80 6.02 12.04 -23.04
C TYR C 80 5.62 13.25 -22.21
N TYR C 81 4.68 13.04 -21.28
CA TYR C 81 4.45 13.99 -20.20
C TYR C 81 4.75 13.28 -18.89
N CYS C 82 4.71 14.01 -17.79
CA CYS C 82 5.07 13.46 -16.49
C CYS C 82 4.08 13.91 -15.40
N VAL C 83 3.67 12.99 -14.54
CA VAL C 83 2.81 13.35 -13.41
C VAL C 83 3.32 12.71 -12.11
N GLY C 84 3.17 13.44 -11.01
CA GLY C 84 3.57 12.92 -9.71
C GLY C 84 2.74 11.70 -9.41
N LEU C 85 3.36 10.71 -8.80
CA LEU C 85 2.66 9.48 -8.48
C LEU C 85 2.58 9.34 -6.97
N GLU C 86 3.71 9.60 -6.31
CA GLU C 86 3.82 9.52 -4.87
C GLU C 86 4.78 10.61 -4.42
N VAL C 87 4.51 11.22 -3.28
CA VAL C 87 5.43 12.20 -2.72
C VAL C 87 5.40 11.99 -1.21
N ASN C 88 6.53 12.28 -0.56
CA ASN C 88 6.62 12.18 0.87
C ASN C 88 7.65 13.17 1.36
N ALA C 89 7.62 13.48 2.65
CA ALA C 89 8.44 14.56 3.18
C ALA C 89 8.54 14.52 4.69
N ASN C 90 9.71 14.84 5.21
CA ASN C 90 9.89 15.00 6.62
C ASN C 90 10.08 16.48 6.89
N HIS C 91 9.30 17.01 7.82
CA HIS C 91 9.41 18.41 8.20
C HIS C 91 10.43 18.52 9.32
N LEU C 92 11.51 19.26 9.07
CA LEU C 92 12.64 19.25 9.99
C LEU C 92 12.74 20.49 10.88
N ARG C 93 12.56 21.68 10.31
CA ARG C 93 12.63 22.93 11.07
C ARG C 93 11.60 23.92 10.58
N GLY C 94 11.07 24.74 11.49
CA GLY C 94 10.13 25.78 11.10
C GLY C 94 10.87 26.95 10.46
N LEU C 95 10.18 27.65 9.55
CA LEU C 95 10.72 28.84 8.91
C LEU C 95 9.67 29.95 8.98
N ARG C 96 10.09 31.15 9.32
CA ARG C 96 9.16 32.27 9.50
C ARG C 96 9.26 33.30 8.40
N SER C 97 10.46 33.51 7.87
CA SER C 97 10.66 34.58 6.92
C SER C 97 11.81 34.26 5.97
N GLY C 98 12.04 35.17 5.02
CA GLY C 98 13.05 34.95 4.01
C GLY C 98 12.49 34.00 2.98
N ARG C 99 13.36 33.21 2.36
CA ARG C 99 12.94 32.27 1.33
C ARG C 99 13.34 30.84 1.67
N VAL C 100 12.59 29.88 1.13
CA VAL C 100 12.98 28.48 1.28
C VAL C 100 13.55 28.00 -0.05
N THR C 101 14.72 27.38 0.00
CA THR C 101 15.39 26.94 -1.21
C THR C 101 15.36 25.43 -1.31
N ALA C 102 15.00 24.92 -2.49
CA ALA C 102 14.91 23.48 -2.70
C ALA C 102 15.89 23.04 -3.78
N VAL C 103 16.64 21.99 -3.49
CA VAL C 103 17.54 21.39 -4.48
C VAL C 103 17.11 19.96 -4.83
N ALA C 104 16.89 19.71 -6.12
CA ALA C 104 16.48 18.38 -6.62
C ALA C 104 17.63 17.61 -7.28
N ARG C 105 17.87 16.37 -6.84
CA ARG C 105 18.84 15.48 -7.48
C ARG C 105 18.16 14.17 -7.83
N ALA C 106 18.56 13.56 -8.95
CA ALA C 106 17.96 12.29 -9.37
C ALA C 106 18.52 11.12 -8.58
N ILE C 107 17.62 10.29 -8.06
CA ILE C 107 18.03 9.04 -7.44
C ILE C 107 17.99 7.96 -8.51
N HIS C 108 16.99 8.07 -9.38
CA HIS C 108 16.71 7.06 -10.40
C HIS C 108 15.85 7.64 -11.53
N LEU C 109 16.30 7.47 -12.77
CA LEU C 109 15.51 7.88 -13.93
C LEU C 109 15.21 6.67 -14.79
N GLY C 110 14.12 5.96 -14.50
CA GLY C 110 13.72 4.80 -15.28
C GLY C 110 12.93 5.18 -16.53
N ARG C 111 12.53 4.18 -17.30
CA ARG C 111 11.75 4.40 -18.51
C ARG C 111 10.38 4.95 -18.15
N THR C 112 9.80 4.40 -17.09
CA THR C 112 8.42 4.67 -16.73
C THR C 112 8.30 5.51 -15.46
N THR C 113 9.35 5.50 -14.64
CA THR C 113 9.32 6.25 -13.39
C THR C 113 10.62 7.02 -13.15
N HIS C 114 10.49 8.16 -12.47
CA HIS C 114 11.65 8.92 -11.98
C HIS C 114 11.48 9.09 -10.47
N VAL C 115 12.59 9.02 -9.73
CA VAL C 115 12.60 9.25 -8.29
C VAL C 115 13.54 10.41 -7.99
N TRP C 116 13.02 11.48 -7.38
CA TRP C 116 13.81 12.67 -7.09
C TRP C 116 14.04 12.87 -5.60
N ASP C 117 15.30 13.15 -5.25
CA ASP C 117 15.66 13.55 -3.89
C ASP C 117 15.61 15.08 -3.84
N ILE C 118 14.83 15.62 -2.91
CA ILE C 118 14.68 17.08 -2.82
C ILE C 118 14.96 17.60 -1.41
N ARG C 119 15.97 18.46 -1.30
CA ARG C 119 16.40 18.99 -0.01
C ARG C 119 16.03 20.45 0.12
N LEU C 120 15.39 20.80 1.23
CA LEU C 120 14.94 22.18 1.43
C LEU C 120 15.66 22.81 2.61
N SER C 121 15.99 24.10 2.49
CA SER C 121 16.63 24.81 3.59
C SER C 121 16.19 26.26 3.66
N GLY C 122 16.22 26.82 4.87
CA GLY C 122 15.96 28.24 5.04
C GLY C 122 17.18 29.02 4.58
N ASP C 123 17.12 30.35 4.72
CA ASP C 123 18.22 31.22 4.28
C ASP C 123 19.47 31.05 5.13
N ASP C 124 19.33 30.43 6.29
CA ASP C 124 20.47 30.12 7.15
C ASP C 124 21.14 28.81 6.73
N GLY C 125 20.59 28.19 5.69
CA GLY C 125 21.21 27.02 5.09
C GLY C 125 20.99 25.71 5.83
N LYS C 126 20.39 25.76 7.01
CA LYS C 126 20.04 24.54 7.72
C LYS C 126 18.86 23.84 7.05
N PRO C 127 18.92 22.50 6.94
CA PRO C 127 17.82 21.70 6.39
C PRO C 127 16.50 22.01 7.09
N SER C 128 15.47 22.37 6.32
CA SER C 128 14.16 22.63 6.90
C SER C 128 13.14 21.51 6.58
N CYS C 129 13.35 20.84 5.45
CA CYS C 129 12.45 19.76 5.00
C CYS C 129 13.21 18.87 4.03
N ILE C 130 12.89 17.57 4.01
CA ILE C 130 13.41 16.67 2.97
C ILE C 130 12.26 15.92 2.32
N ALA C 131 12.25 15.90 0.98
CA ALA C 131 11.17 15.24 0.26
C ALA C 131 11.72 14.24 -0.75
N ARG C 132 10.91 13.24 -1.04
CA ARG C 132 11.18 12.34 -2.16
C ARG C 132 9.96 12.27 -3.03
N LEU C 133 10.17 12.44 -4.33
CA LEU C 133 9.09 12.50 -5.30
C LEU C 133 9.23 11.36 -6.31
N THR C 134 8.14 10.63 -6.52
CA THR C 134 8.11 9.63 -7.57
C THR C 134 7.22 10.15 -8.70
N MET C 135 7.80 10.27 -9.90
CA MET C 135 7.07 10.74 -11.07
C MET C 135 6.77 9.58 -12.01
N ALA C 136 5.58 9.55 -12.60
CA ALA C 136 5.29 8.59 -13.66
C ALA C 136 5.52 9.22 -15.04
N VAL C 137 6.14 8.47 -15.94
CA VAL C 137 6.41 8.97 -17.30
C VAL C 137 5.41 8.36 -18.27
N VAL C 138 4.63 9.21 -18.94
CA VAL C 138 3.52 8.73 -19.73
C VAL C 138 3.56 9.19 -21.20
N PRO C 139 3.54 8.23 -22.15
CA PRO C 139 3.47 8.47 -23.59
C PRO C 139 2.23 9.27 -24.00
N LEU C 140 2.43 10.37 -24.72
CA LEU C 140 1.33 11.24 -25.17
C LEU C 140 0.31 10.52 -26.06
N SER D 2 -16.59 13.05 19.80
CA SER D 2 -15.91 12.00 20.56
C SER D 2 -14.39 12.09 20.41
N LEU D 3 -13.94 12.31 19.18
CA LEU D 3 -12.52 12.54 18.92
C LEU D 3 -12.10 13.87 19.52
N TRP D 4 -13.00 14.84 19.48
CA TRP D 4 -12.66 16.22 19.78
C TRP D 4 -12.68 16.56 21.26
N ARG D 5 -11.66 17.30 21.68
CA ARG D 5 -11.58 17.82 23.04
C ARG D 5 -12.52 19.00 23.17
N GLN D 6 -13.11 19.38 22.05
CA GLN D 6 -13.79 20.65 21.91
C GLN D 6 -14.62 20.60 20.63
N THR D 7 -15.92 20.80 20.74
CA THR D 7 -16.79 20.82 19.55
C THR D 7 -16.21 21.80 18.53
N PRO D 8 -15.90 21.31 17.31
CA PRO D 8 -15.36 22.20 16.29
C PRO D 8 -16.33 23.30 15.89
N ASP D 9 -15.78 24.49 15.68
CA ASP D 9 -16.49 25.64 15.20
C ASP D 9 -15.89 25.90 13.81
N LEU D 10 -16.59 25.45 12.77
CA LEU D 10 -16.03 25.43 11.42
C LEU D 10 -15.72 26.83 10.94
N GLU D 11 -16.57 27.77 11.33
CA GLU D 11 -16.33 29.17 10.97
C GLU D 11 -15.05 29.71 11.60
N GLN D 12 -14.81 29.35 12.86
CA GLN D 12 -13.57 29.74 13.54
C GLN D 12 -12.37 29.11 12.82
N LEU D 13 -12.52 27.82 12.47
CA LEU D 13 -11.48 27.10 11.74
C LEU D 13 -11.12 27.86 10.47
N ASN D 14 -12.13 28.23 9.67
CA ASN D 14 -11.88 28.95 8.43
C ASN D 14 -11.29 30.34 8.67
N ALA D 15 -11.81 31.04 9.67
CA ALA D 15 -11.34 32.39 9.94
C ALA D 15 -9.89 32.39 10.38
N SER D 16 -9.47 31.32 11.05
CA SER D 16 -8.10 31.27 11.56
C SER D 16 -7.07 31.23 10.43
N GLN D 17 -7.54 30.97 9.21
CA GLN D 17 -6.66 30.82 8.05
C GLN D 17 -6.36 32.15 7.38
N LYS D 18 -6.98 33.22 7.87
CA LYS D 18 -6.86 34.53 7.23
C LYS D 18 -5.41 34.91 7.06
N ASN D 19 -5.07 35.38 5.85
CA ASN D 19 -3.69 35.73 5.52
C ASN D 19 -2.70 34.58 5.70
N SER D 20 -3.14 33.37 5.39
CA SER D 20 -2.23 32.22 5.31
C SER D 20 -2.47 31.51 3.98
N ILE D 21 -1.62 30.55 3.65
CA ILE D 21 -1.78 29.80 2.39
C ILE D 21 -3.19 29.24 2.21
N GLY D 22 -3.80 28.77 3.30
CA GLY D 22 -5.13 28.20 3.23
C GLY D 22 -6.18 29.17 2.72
N ASP D 23 -5.99 30.43 3.05
CA ASP D 23 -6.91 31.47 2.62
C ASP D 23 -6.67 31.74 1.14
N LEU D 24 -5.39 31.87 0.79
CA LEU D 24 -4.99 32.15 -0.59
C LEU D 24 -5.50 31.06 -1.54
N LEU D 25 -5.44 29.80 -1.10
CA LEU D 25 -5.84 28.69 -1.97
C LEU D 25 -7.32 28.34 -1.89
N GLY D 26 -8.06 28.98 -0.99
CA GLY D 26 -9.49 28.72 -0.91
C GLY D 26 -9.82 27.44 -0.13
N ILE D 27 -8.87 26.97 0.66
CA ILE D 27 -9.12 25.79 1.50
C ILE D 27 -10.22 26.11 2.51
N ARG D 28 -11.18 25.21 2.65
CA ARG D 28 -12.38 25.51 3.41
C ARG D 28 -12.84 24.31 4.25
N PHE D 29 -12.88 24.48 5.57
CA PHE D 29 -13.41 23.43 6.44
C PHE D 29 -14.93 23.35 6.25
N GLU D 30 -15.42 22.13 6.00
CA GLU D 30 -16.77 21.91 5.44
C GLU D 30 -17.74 21.22 6.39
N ALA D 31 -17.20 20.33 7.23
CA ALA D 31 -18.05 19.42 8.00
C ALA D 31 -17.24 18.69 9.04
N PHE D 32 -17.92 18.14 10.05
CA PHE D 32 -17.26 17.27 11.01
C PHE D 32 -18.28 16.35 11.65
N ASP D 33 -17.84 15.22 12.17
CA ASP D 33 -18.68 14.42 13.03
C ASP D 33 -17.87 13.90 14.21
N ASP D 34 -18.33 12.81 14.82
CA ASP D 34 -17.65 12.24 15.97
C ASP D 34 -16.27 11.71 15.62
N GLU D 35 -16.10 11.31 14.37
CA GLU D 35 -14.94 10.53 13.94
C GLU D 35 -14.11 11.20 12.84
N SER D 36 -14.53 12.37 12.37
CA SER D 36 -13.91 12.92 11.17
C SER D 36 -14.07 14.42 10.97
N LEU D 37 -13.13 14.98 10.22
CA LEU D 37 -13.15 16.39 9.85
C LEU D 37 -12.99 16.45 8.34
N THR D 38 -13.69 17.38 7.71
CA THR D 38 -13.74 17.46 6.25
C THR D 38 -13.41 18.87 5.78
N ALA D 39 -12.56 18.97 4.77
CA ALA D 39 -12.25 20.24 4.13
C ALA D 39 -12.14 20.04 2.62
N SER D 40 -12.37 21.12 1.87
CA SER D 40 -12.29 21.08 0.41
C SER D 40 -11.43 22.24 -0.09
N MET D 41 -11.09 22.20 -1.37
CA MET D 41 -10.22 23.18 -2.00
C MET D 41 -10.63 23.27 -3.48
N PRO D 42 -10.67 24.49 -4.05
CA PRO D 42 -11.05 24.57 -5.47
C PRO D 42 -9.95 24.04 -6.35
N VAL D 43 -10.32 23.53 -7.53
CA VAL D 43 -9.33 23.15 -8.53
C VAL D 43 -9.42 24.17 -9.66
N ASP D 44 -8.59 25.19 -9.58
CA ASP D 44 -8.57 26.24 -10.60
C ASP D 44 -7.14 26.78 -10.71
N SER D 45 -6.98 27.93 -11.35
CA SER D 45 -5.64 28.47 -11.59
C SER D 45 -4.84 28.69 -10.30
N ARG D 46 -5.52 28.89 -9.18
CA ARG D 46 -4.84 29.02 -7.90
C ARG D 46 -4.08 27.74 -7.55
N THR D 47 -4.66 26.60 -7.95
CA THR D 47 -4.16 25.29 -7.50
C THR D 47 -3.62 24.38 -8.61
N HIS D 48 -3.85 24.74 -9.87
CA HIS D 48 -3.31 23.97 -11.00
C HIS D 48 -1.78 24.00 -11.04
N ALA D 49 -1.20 22.86 -11.44
CA ALA D 49 0.19 22.79 -11.87
C ALA D 49 0.25 23.39 -13.27
N PRO D 50 1.45 23.66 -13.81
CA PRO D 50 1.53 24.37 -15.09
C PRO D 50 0.77 23.73 -16.26
N PHE D 51 0.39 22.46 -16.14
CA PHE D 51 -0.23 21.80 -17.28
C PHE D 51 -1.74 21.55 -17.12
N GLY D 52 -2.37 22.32 -16.22
CA GLY D 52 -3.82 22.37 -16.14
C GLY D 52 -4.51 21.42 -15.18
N LEU D 53 -3.77 20.48 -14.60
CA LEU D 53 -4.33 19.55 -13.63
C LEU D 53 -3.98 20.08 -12.24
N LEU D 54 -4.78 19.70 -11.24
CA LEU D 54 -4.47 20.03 -9.85
C LEU D 54 -3.06 19.59 -9.49
N HIS D 55 -2.28 20.53 -8.99
CA HIS D 55 -0.90 20.30 -8.56
C HIS D 55 -0.89 19.34 -7.37
N GLY D 56 -0.05 18.30 -7.45
CA GLY D 56 0.00 17.29 -6.40
C GLY D 56 0.37 17.87 -5.04
N GLY D 57 1.11 18.96 -5.02
CA GLY D 57 1.48 19.60 -3.76
C GLY D 57 0.29 20.33 -3.12
N ALA D 58 -0.62 20.82 -3.95
CA ALA D 58 -1.80 21.50 -3.41
C ALA D 58 -2.71 20.50 -2.70
N SER D 59 -2.77 19.25 -3.19
CA SER D 59 -3.54 18.21 -2.52
C SER D 59 -2.97 18.03 -1.11
N VAL D 60 -1.65 18.10 -1.03
CA VAL D 60 -0.93 17.95 0.22
C VAL D 60 -1.09 19.16 1.14
N VAL D 61 -1.15 20.37 0.57
CA VAL D 61 -1.52 21.52 1.39
C VAL D 61 -2.86 21.28 2.07
N LEU D 62 -3.85 20.86 1.30
CA LEU D 62 -5.20 20.59 1.84
C LEU D 62 -5.16 19.50 2.89
N ALA D 63 -4.53 18.37 2.56
CA ALA D 63 -4.38 17.26 3.50
C ALA D 63 -3.70 17.70 4.79
N GLU D 64 -2.62 18.47 4.66
CA GLU D 64 -1.88 18.85 5.87
C GLU D 64 -2.57 19.98 6.67
N SER D 65 -3.24 20.91 5.99
CA SER D 65 -4.09 21.86 6.71
C SER D 65 -5.13 21.09 7.51
N LEU D 66 -5.78 20.14 6.85
CA LEU D 66 -6.89 19.40 7.46
C LEU D 66 -6.43 18.57 8.65
N GLY D 67 -5.42 17.73 8.43
CA GLY D 67 -4.88 16.90 9.49
C GLY D 67 -4.31 17.70 10.66
N SER D 68 -3.61 18.79 10.38
CA SER D 68 -3.03 19.54 11.49
C SER D 68 -4.12 20.23 12.33
N MET D 69 -5.21 20.62 11.70
CA MET D 69 -6.31 21.24 12.45
C MET D 69 -7.01 20.19 13.32
N ALA D 70 -7.16 18.99 12.78
CA ALA D 70 -7.77 17.89 13.53
C ALA D 70 -6.97 17.61 14.80
N SER D 71 -5.66 17.50 14.67
CA SER D 71 -4.79 17.32 15.82
C SER D 71 -5.00 18.44 16.85
N TYR D 72 -5.05 19.67 16.38
CA TYR D 72 -5.24 20.83 17.25
C TYR D 72 -6.54 20.72 18.04
N LEU D 73 -7.59 20.22 17.41
CA LEU D 73 -8.89 20.03 18.09
C LEU D 73 -8.89 18.84 19.05
N CYS D 74 -7.83 18.04 19.01
CA CYS D 74 -7.76 16.84 19.86
C CYS D 74 -6.90 17.03 21.11
N VAL D 75 -6.11 18.09 21.14
CA VAL D 75 -5.21 18.29 22.25
C VAL D 75 -5.62 19.44 23.16
N ASP D 76 -5.07 19.46 24.37
CA ASP D 76 -5.25 20.59 25.27
C ASP D 76 -4.36 21.74 24.82
N THR D 77 -4.95 22.68 24.10
CA THR D 77 -4.22 23.76 23.46
C THR D 77 -3.62 24.79 24.42
N SER D 78 -3.94 24.67 25.71
CA SER D 78 -3.31 25.49 26.74
C SER D 78 -1.93 24.93 27.07
N GLN D 79 -1.82 23.61 27.04
CA GLN D 79 -0.56 22.93 27.32
C GLN D 79 0.20 22.58 26.03
N TYR D 80 -0.51 21.97 25.08
CA TYR D 80 0.14 21.41 23.90
C TYR D 80 -0.22 22.09 22.58
N TYR D 81 0.74 22.09 21.67
CA TYR D 81 0.47 22.40 20.27
C TYR D 81 0.95 21.22 19.39
N CYS D 82 0.75 21.33 18.08
CA CYS D 82 1.04 20.23 17.16
C CYS D 82 1.74 20.73 15.91
N VAL D 83 2.73 19.97 15.43
CA VAL D 83 3.39 20.33 14.18
C VAL D 83 3.47 19.10 13.28
N GLY D 84 3.36 19.33 11.98
CA GLY D 84 3.50 18.26 11.01
C GLY D 84 4.91 17.71 11.10
N LEU D 85 5.01 16.38 11.12
CA LEU D 85 6.29 15.71 11.24
C LEU D 85 6.67 15.02 9.93
N GLU D 86 5.76 14.21 9.40
CA GLU D 86 5.97 13.49 8.14
C GLU D 86 4.63 13.47 7.43
N VAL D 87 4.66 13.63 6.11
CA VAL D 87 3.45 13.50 5.31
C VAL D 87 3.80 12.74 4.03
N ASN D 88 2.88 11.92 3.54
CA ASN D 88 3.10 11.23 2.28
C ASN D 88 1.77 11.12 1.55
N ALA D 89 1.81 10.97 0.23
CA ALA D 89 0.57 10.97 -0.55
C ALA D 89 0.73 10.17 -1.85
N ASN D 90 -0.33 9.46 -2.25
CA ASN D 90 -0.39 8.85 -3.56
C ASN D 90 -1.35 9.65 -4.40
N HIS D 91 -0.87 10.13 -5.55
CA HIS D 91 -1.75 10.84 -6.48
C HIS D 91 -2.39 9.81 -7.37
N LEU D 92 -3.71 9.72 -7.31
CA LEU D 92 -4.43 8.57 -7.86
C LEU D 92 -4.98 8.86 -9.24
N ARG D 93 -5.40 10.09 -9.45
CA ARG D 93 -5.87 10.50 -10.76
C ARG D 93 -5.90 12.01 -10.81
N GLY D 94 -5.86 12.57 -12.01
CA GLY D 94 -5.79 14.01 -12.21
C GLY D 94 -7.14 14.71 -12.11
N LEU D 95 -7.14 15.92 -11.57
CA LEU D 95 -8.36 16.71 -11.48
C LEU D 95 -8.18 18.01 -12.24
N ARG D 96 -9.18 18.40 -13.02
CA ARG D 96 -9.06 19.58 -13.85
C ARG D 96 -9.92 20.73 -13.33
N SER D 97 -11.09 20.40 -12.80
CA SER D 97 -12.04 21.43 -12.41
C SER D 97 -12.84 21.04 -11.18
N GLY D 98 -13.62 21.97 -10.66
CA GLY D 98 -14.48 21.68 -9.52
C GLY D 98 -13.72 21.88 -8.22
N ARG D 99 -13.98 21.02 -7.24
CA ARG D 99 -13.24 21.06 -5.98
C ARG D 99 -12.71 19.67 -5.63
N VAL D 100 -11.67 19.65 -4.81
CA VAL D 100 -11.20 18.42 -4.20
C VAL D 100 -11.57 18.45 -2.73
N THR D 101 -12.15 17.36 -2.26
CA THR D 101 -12.69 17.28 -0.91
C THR D 101 -11.88 16.26 -0.14
N ALA D 102 -11.48 16.61 1.06
CA ALA D 102 -10.60 15.74 1.84
C ALA D 102 -11.26 15.39 3.16
N VAL D 103 -11.19 14.13 3.56
CA VAL D 103 -11.77 13.67 4.81
C VAL D 103 -10.69 13.09 5.68
N ALA D 104 -10.55 13.59 6.91
CA ALA D 104 -9.54 13.08 7.83
C ALA D 104 -10.15 12.19 8.91
N ARG D 105 -9.54 11.03 9.13
CA ARG D 105 -9.88 10.11 10.21
C ARG D 105 -8.61 9.73 10.96
N ALA D 106 -8.74 9.53 12.27
CA ALA D 106 -7.58 9.21 13.09
C ALA D 106 -7.21 7.74 12.97
N ILE D 107 -5.94 7.48 12.67
CA ILE D 107 -5.39 6.14 12.70
C ILE D 107 -4.97 5.86 14.15
N HIS D 108 -4.29 6.84 14.74
CA HIS D 108 -3.64 6.67 16.03
C HIS D 108 -3.54 8.03 16.69
N LEU D 109 -3.93 8.12 17.96
CA LEU D 109 -3.79 9.37 18.68
C LEU D 109 -3.02 9.10 19.96
N GLY D 110 -1.69 9.25 19.90
CA GLY D 110 -0.85 9.00 21.05
C GLY D 110 -0.59 10.28 21.83
N ARG D 111 0.19 10.17 22.89
CA ARG D 111 0.54 11.33 23.72
C ARG D 111 1.47 12.26 22.95
N THR D 112 2.34 11.68 22.12
CA THR D 112 3.39 12.43 21.44
C THR D 112 3.24 12.54 19.91
N THR D 113 2.45 11.66 19.31
CA THR D 113 2.24 11.65 17.87
C THR D 113 0.79 11.33 17.55
N HIS D 114 0.30 11.94 16.47
CA HIS D 114 -1.00 11.56 15.93
C HIS D 114 -0.77 11.09 14.51
N VAL D 115 -1.52 10.09 14.07
CA VAL D 115 -1.46 9.72 12.66
C VAL D 115 -2.85 9.81 12.05
N TRP D 116 -2.96 10.56 10.95
CA TRP D 116 -4.23 10.79 10.28
C TRP D 116 -4.26 10.16 8.90
N ASP D 117 -5.38 9.51 8.60
CA ASP D 117 -5.71 9.00 7.28
C ASP D 117 -6.57 10.04 6.57
N ILE D 118 -6.14 10.48 5.40
CA ILE D 118 -6.81 11.56 4.69
C ILE D 118 -7.11 11.13 3.26
N ARG D 119 -8.38 11.13 2.90
CA ARG D 119 -8.86 10.64 1.61
C ARG D 119 -9.39 11.81 0.81
N LEU D 120 -8.90 11.96 -0.41
CA LEU D 120 -9.31 13.08 -1.26
C LEU D 120 -10.01 12.56 -2.49
N SER D 121 -11.08 13.26 -2.90
CA SER D 121 -11.81 12.88 -4.11
C SER D 121 -12.26 14.12 -4.88
N GLY D 122 -12.46 13.94 -6.18
CA GLY D 122 -13.04 14.97 -7.02
C GLY D 122 -14.55 15.02 -6.86
N ASP D 123 -15.16 16.00 -7.52
CA ASP D 123 -16.60 16.18 -7.39
C ASP D 123 -17.46 15.01 -7.88
N ASP D 124 -16.87 14.07 -8.60
CA ASP D 124 -17.62 12.89 -9.03
C ASP D 124 -17.59 11.78 -7.98
N GLY D 125 -16.93 12.06 -6.85
CA GLY D 125 -16.85 11.11 -5.75
C GLY D 125 -15.73 10.08 -5.83
N LYS D 126 -15.01 10.03 -6.94
CA LYS D 126 -13.94 9.04 -7.10
C LYS D 126 -12.63 9.51 -6.43
N PRO D 127 -11.93 8.61 -5.72
CA PRO D 127 -10.65 8.98 -5.10
C PRO D 127 -9.70 9.66 -6.07
N SER D 128 -9.08 10.77 -5.63
CA SER D 128 -8.10 11.45 -6.44
C SER D 128 -6.73 11.38 -5.78
N CYS D 129 -6.70 11.26 -4.46
CA CYS D 129 -5.43 11.27 -3.72
C CYS D 129 -5.70 10.61 -2.38
N ILE D 130 -4.70 9.92 -1.85
CA ILE D 130 -4.76 9.46 -0.47
C ILE D 130 -3.45 9.89 0.22
N ALA D 131 -3.58 10.44 1.43
CA ALA D 131 -2.45 10.93 2.19
C ALA D 131 -2.44 10.34 3.58
N ARG D 132 -1.25 10.27 4.19
CA ARG D 132 -1.16 9.93 5.60
C ARG D 132 -0.27 10.97 6.26
N LEU D 133 -0.68 11.43 7.43
CA LEU D 133 -0.04 12.56 8.09
C LEU D 133 0.39 12.18 9.50
N THR D 134 1.66 12.38 9.82
CA THR D 134 2.12 12.20 11.19
C THR D 134 2.35 13.56 11.84
N MET D 135 1.64 13.80 12.94
CA MET D 135 1.76 15.06 13.68
C MET D 135 2.56 14.81 14.95
N ALA D 136 3.40 15.77 15.32
CA ALA D 136 4.10 15.70 16.61
C ALA D 136 3.31 16.51 17.63
N VAL D 137 3.01 15.91 18.78
CA VAL D 137 2.33 16.62 19.85
C VAL D 137 3.39 17.14 20.81
N VAL D 138 3.38 18.45 21.06
CA VAL D 138 4.48 19.04 21.81
C VAL D 138 4.03 20.02 22.89
N PRO D 139 4.64 19.93 24.09
CA PRO D 139 4.37 20.78 25.26
C PRO D 139 4.77 22.23 24.99
N LEU D 140 3.88 23.19 25.26
CA LEU D 140 4.20 24.60 25.09
C LEU D 140 5.34 25.02 26.02
N SER E 2 31.34 13.45 16.47
CA SER E 2 30.94 14.10 15.23
C SER E 2 29.43 13.91 15.01
N LEU E 3 29.09 12.80 14.37
CA LEU E 3 27.71 12.35 14.24
C LEU E 3 27.45 11.45 15.42
N TRP E 4 28.30 10.44 15.55
CA TRP E 4 28.18 9.44 16.60
C TRP E 4 28.47 10.05 17.95
N ARG E 5 27.68 9.67 18.94
CA ARG E 5 27.91 10.15 20.30
C ARG E 5 29.26 9.60 20.78
N GLN E 6 29.54 8.37 20.39
CA GLN E 6 30.83 7.73 20.66
C GLN E 6 31.25 6.94 19.43
N THR E 7 32.56 6.75 19.27
CA THR E 7 33.13 5.92 18.22
C THR E 7 32.41 4.58 18.13
N PRO E 8 31.85 4.27 16.95
CA PRO E 8 31.12 3.02 16.77
C PRO E 8 32.05 1.82 16.88
N ASP E 9 31.52 0.68 17.32
CA ASP E 9 32.29 -0.56 17.35
C ASP E 9 31.53 -1.58 16.51
N LEU E 10 32.06 -1.91 15.33
CA LEU E 10 31.35 -2.77 14.38
C LEU E 10 31.04 -4.16 14.93
N GLU E 11 31.97 -4.74 15.69
CA GLU E 11 31.73 -6.08 16.24
C GLU E 11 30.66 -6.01 17.32
N GLN E 12 30.68 -4.95 18.12
CA GLN E 12 29.64 -4.72 19.12
C GLN E 12 28.29 -4.64 18.41
N LEU E 13 28.25 -3.84 17.33
CA LEU E 13 27.06 -3.69 16.51
C LEU E 13 26.57 -5.06 16.02
N ASN E 14 27.48 -5.84 15.43
CA ASN E 14 27.14 -7.17 14.93
C ASN E 14 26.71 -8.17 16.01
N ALA E 15 27.35 -8.11 17.17
CA ALA E 15 27.00 -9.01 18.27
C ALA E 15 25.60 -8.74 18.80
N SER E 16 25.19 -7.47 18.85
CA SER E 16 23.90 -7.09 19.41
C SER E 16 22.71 -7.65 18.63
N GLN E 17 22.95 -8.10 17.41
CA GLN E 17 21.90 -8.67 16.55
C GLN E 17 21.58 -10.11 16.90
N LYS E 18 22.42 -10.71 17.73
CA LYS E 18 22.34 -12.14 18.04
C LYS E 18 20.92 -12.60 18.36
N ASN E 19 20.49 -13.66 17.69
CA ASN E 19 19.15 -14.23 17.90
C ASN E 19 17.98 -13.28 17.60
N SER E 20 18.18 -12.37 16.66
CA SER E 20 17.09 -11.51 16.18
C SER E 20 17.05 -11.60 14.65
N ILE E 21 16.14 -10.86 14.01
CA ILE E 21 15.96 -10.98 12.56
C ILE E 21 17.20 -10.65 11.73
N GLY E 22 17.94 -9.62 12.15
CA GLY E 22 19.16 -9.23 11.45
C GLY E 22 20.14 -10.39 11.41
N ASP E 23 20.29 -11.08 12.53
CA ASP E 23 21.14 -12.26 12.60
C ASP E 23 20.63 -13.32 11.63
N LEU E 24 19.32 -13.57 11.66
CA LEU E 24 18.71 -14.59 10.81
C LEU E 24 18.92 -14.35 9.31
N LEU E 25 18.86 -13.08 8.92
CA LEU E 25 18.95 -12.72 7.51
C LEU E 25 20.39 -12.41 7.09
N GLY E 26 21.34 -12.65 7.99
CA GLY E 26 22.75 -12.45 7.67
C GLY E 26 23.19 -11.01 7.48
N ILE E 27 22.53 -10.08 8.19
CA ILE E 27 22.91 -8.68 8.12
C ILE E 27 24.27 -8.42 8.79
N ARG E 28 25.12 -7.66 8.10
CA ARG E 28 26.51 -7.53 8.48
C ARG E 28 26.84 -6.04 8.50
N PHE E 29 27.09 -5.48 9.67
CA PHE E 29 27.60 -4.11 9.71
C PHE E 29 29.06 -4.09 9.23
N GLU E 30 29.32 -3.29 8.20
CA GLU E 30 30.55 -3.38 7.43
C GLU E 30 31.56 -2.27 7.72
N ALA E 31 31.08 -1.05 7.96
CA ALA E 31 31.97 0.10 8.01
C ALA E 31 31.28 1.35 8.53
N PHE E 32 32.09 2.34 8.93
CA PHE E 32 31.55 3.63 9.32
C PHE E 32 32.61 4.70 9.06
N ASP E 33 32.18 5.94 8.98
CA ASP E 33 33.08 7.08 9.03
C ASP E 33 32.40 8.21 9.82
N ASP E 34 32.89 9.43 9.66
CA ASP E 34 32.31 10.55 10.40
C ASP E 34 30.86 10.83 10.03
N GLU E 35 30.44 10.41 8.84
CA GLU E 35 29.15 10.82 8.31
C GLU E 35 28.20 9.68 7.92
N SER E 36 28.68 8.44 7.98
CA SER E 36 27.86 7.32 7.54
C SER E 36 28.12 6.02 8.29
N LEU E 37 27.13 5.13 8.26
CA LEU E 37 27.25 3.78 8.80
C LEU E 37 26.77 2.83 7.71
N THR E 38 27.51 1.74 7.50
CA THR E 38 27.31 0.85 6.36
C THR E 38 27.04 -0.58 6.81
N ALA E 39 26.04 -1.21 6.21
CA ALA E 39 25.74 -2.61 6.47
C ALA E 39 25.27 -3.27 5.19
N SER E 40 25.42 -4.58 5.10
CA SER E 40 24.98 -5.33 3.92
C SER E 40 24.22 -6.59 4.30
N MET E 41 23.52 -7.16 3.31
CA MET E 41 22.70 -8.33 3.53
C MET E 41 22.84 -9.19 2.29
N PRO E 42 22.80 -10.52 2.46
CA PRO E 42 22.90 -11.42 1.29
C PRO E 42 21.57 -11.50 0.56
N VAL E 43 21.63 -11.56 -0.77
CA VAL E 43 20.47 -11.84 -1.59
C VAL E 43 20.42 -13.33 -1.89
N ASP E 44 19.81 -14.11 -1.00
CA ASP E 44 19.63 -15.54 -1.24
C ASP E 44 18.23 -15.96 -0.80
N SER E 45 18.01 -17.27 -0.67
CA SER E 45 16.69 -17.80 -0.29
C SER E 45 16.08 -17.16 0.96
N ARG E 46 16.92 -16.68 1.86
CA ARG E 46 16.44 -16.11 3.11
C ARG E 46 15.78 -14.75 2.91
N THR E 47 16.17 -14.06 1.84
CA THR E 47 15.74 -12.69 1.61
C THR E 47 15.00 -12.51 0.28
N HIS E 48 14.93 -13.59 -0.50
CA HIS E 48 14.22 -13.58 -1.78
C HIS E 48 12.70 -13.47 -1.58
N ALA E 49 12.05 -12.87 -2.57
CA ALA E 49 10.61 -13.02 -2.76
C ALA E 49 10.43 -14.25 -3.65
N PRO E 50 9.21 -14.82 -3.72
CA PRO E 50 9.02 -16.08 -4.46
C PRO E 50 9.45 -16.10 -5.93
N PHE E 51 9.52 -14.95 -6.57
CA PHE E 51 9.94 -14.93 -7.98
C PHE E 51 11.45 -14.77 -8.14
N GLY E 52 12.19 -14.98 -7.05
CA GLY E 52 13.63 -15.04 -7.09
C GLY E 52 14.39 -13.72 -7.00
N LEU E 53 13.67 -12.61 -6.82
CA LEU E 53 14.30 -11.31 -6.57
C LEU E 53 14.27 -11.01 -5.08
N LEU E 54 15.24 -10.23 -4.62
CA LEU E 54 15.24 -9.71 -3.27
C LEU E 54 13.88 -9.06 -2.96
N HIS E 55 13.27 -9.50 -1.86
CA HIS E 55 11.99 -9.00 -1.40
C HIS E 55 12.14 -7.52 -1.02
N GLY E 56 11.25 -6.67 -1.54
CA GLY E 56 11.29 -5.26 -1.22
C GLY E 56 11.26 -5.02 0.28
N GLY E 57 10.53 -5.89 0.96
CA GLY E 57 10.43 -5.81 2.41
C GLY E 57 11.76 -6.14 3.08
N ALA E 58 12.54 -7.02 2.44
CA ALA E 58 13.86 -7.37 2.97
C ALA E 58 14.79 -6.18 2.90
N SER E 59 14.70 -5.40 1.82
CA SER E 59 15.47 -4.17 1.72
C SER E 59 15.17 -3.25 2.91
N VAL E 60 13.89 -3.22 3.31
CA VAL E 60 13.46 -2.33 4.37
C VAL E 60 13.91 -2.83 5.74
N VAL E 61 13.90 -4.15 5.95
CA VAL E 61 14.50 -4.74 7.14
C VAL E 61 15.96 -4.28 7.32
N LEU E 62 16.73 -4.30 6.24
CA LEU E 62 18.13 -3.87 6.31
C LEU E 62 18.20 -2.38 6.57
N ALA E 63 17.39 -1.60 5.86
CA ALA E 63 17.38 -0.15 6.08
C ALA E 63 16.96 0.21 7.49
N GLU E 64 15.96 -0.47 8.03
CA GLU E 64 15.50 -0.10 9.37
C GLU E 64 16.47 -0.60 10.43
N SER E 65 17.07 -1.76 10.18
CA SER E 65 18.13 -2.25 11.05
C SER E 65 19.26 -1.24 11.10
N LEU E 66 19.74 -0.85 9.93
CA LEU E 66 20.86 0.06 9.80
C LEU E 66 20.54 1.39 10.47
N GLY E 67 19.39 1.97 10.09
CA GLY E 67 18.98 3.27 10.60
C GLY E 67 18.74 3.30 12.10
N SER E 68 18.13 2.25 12.66
CA SER E 68 17.88 2.25 14.10
C SER E 68 19.18 2.11 14.92
N MET E 69 20.08 1.27 14.44
CA MET E 69 21.40 1.12 15.06
C MET E 69 22.10 2.48 15.07
N ALA E 70 22.11 3.15 13.92
CA ALA E 70 22.70 4.47 13.79
C ALA E 70 22.11 5.49 14.79
N SER E 71 20.81 5.41 15.03
CA SER E 71 20.18 6.27 16.02
C SER E 71 20.70 5.96 17.42
N TYR E 72 20.82 4.67 17.72
CA TYR E 72 21.34 4.23 19.02
C TYR E 72 22.78 4.71 19.25
N LEU E 73 23.56 4.79 18.19
CA LEU E 73 24.91 5.31 18.26
C LEU E 73 24.91 6.82 18.52
N CYS E 74 23.78 7.46 18.26
CA CYS E 74 23.71 8.91 18.40
C CYS E 74 23.08 9.36 19.72
N VAL E 75 22.64 8.41 20.54
CA VAL E 75 22.09 8.76 21.85
C VAL E 75 22.77 8.03 23.00
N ASP E 76 22.58 8.56 24.21
CA ASP E 76 23.02 7.88 25.42
C ASP E 76 22.07 6.74 25.72
N THR E 77 22.44 5.52 25.29
CA THR E 77 21.56 4.35 25.42
C THR E 77 21.27 3.94 26.86
N SER E 78 21.92 4.62 27.82
CA SER E 78 21.62 4.42 29.24
C SER E 78 20.48 5.33 29.66
N GLN E 79 20.17 6.29 28.80
CA GLN E 79 19.19 7.33 29.11
C GLN E 79 18.00 7.29 28.14
N TYR E 80 18.26 6.89 26.91
CA TYR E 80 17.24 6.85 25.88
C TYR E 80 17.26 5.51 25.16
N TYR E 81 16.12 5.16 24.57
CA TYR E 81 16.09 4.12 23.54
C TYR E 81 15.41 4.74 22.32
N CYS E 82 15.48 4.04 21.19
CA CYS E 82 15.00 4.58 19.92
C CYS E 82 14.10 3.57 19.26
N VAL E 83 12.99 4.04 18.70
CA VAL E 83 12.08 3.17 17.98
C VAL E 83 11.70 3.77 16.63
N GLY E 84 11.55 2.91 15.64
CA GLY E 84 11.12 3.36 14.32
C GLY E 84 9.70 3.89 14.40
N LEU E 85 9.49 5.07 13.82
CA LEU E 85 8.18 5.73 13.85
C LEU E 85 7.53 5.67 12.46
N GLU E 86 8.33 5.98 11.44
CA GLU E 86 7.86 5.99 10.06
C GLU E 86 9.00 5.53 9.15
N VAL E 87 8.72 4.67 8.18
CA VAL E 87 9.72 4.27 7.18
C VAL E 87 9.10 4.26 5.78
N ASN E 88 9.86 4.66 4.78
CA ASN E 88 9.40 4.59 3.40
C ASN E 88 10.54 4.22 2.51
N ALA E 89 10.22 3.77 1.29
CA ALA E 89 11.27 3.32 0.38
C ALA E 89 10.77 3.31 -1.04
N ASN E 90 11.64 3.64 -1.99
CA ASN E 90 11.39 3.38 -3.39
C ASN E 90 12.23 2.19 -3.85
N HIS E 91 11.57 1.23 -4.50
CA HIS E 91 12.26 0.08 -5.04
C HIS E 91 12.72 0.39 -6.47
N LEU E 92 14.03 0.46 -6.66
CA LEU E 92 14.59 0.95 -7.92
C LEU E 92 15.01 -0.15 -8.88
N ARG E 93 15.63 -1.20 -8.37
CA ARG E 93 16.14 -2.28 -9.22
C ARG E 93 15.98 -3.60 -8.53
N GLY E 94 15.73 -4.66 -9.29
CA GLY E 94 15.69 -6.00 -8.73
C GLY E 94 17.07 -6.58 -8.55
N LEU E 95 17.25 -7.35 -7.48
CA LEU E 95 18.52 -8.03 -7.21
C LEU E 95 18.27 -9.52 -7.05
N ARG E 96 19.12 -10.33 -7.68
CA ARG E 96 18.93 -11.77 -7.67
C ARG E 96 19.96 -12.50 -6.82
N SER E 97 21.18 -11.98 -6.77
CA SER E 97 22.24 -12.65 -6.03
C SER E 97 23.27 -11.66 -5.52
N GLY E 98 24.25 -12.17 -4.80
CA GLY E 98 25.27 -11.34 -4.19
C GLY E 98 24.73 -10.74 -2.93
N ARG E 99 25.27 -9.59 -2.55
CA ARG E 99 24.79 -8.88 -1.38
C ARG E 99 24.22 -7.52 -1.76
N VAL E 100 23.29 -7.04 -0.95
CA VAL E 100 22.79 -5.67 -1.11
C VAL E 100 23.46 -4.85 0.00
N THR E 101 24.06 -3.73 -0.38
CA THR E 101 24.75 -2.90 0.59
C THR E 101 24.00 -1.60 0.86
N ALA E 102 23.86 -1.26 2.14
CA ALA E 102 23.11 -0.07 2.56
C ALA E 102 24.01 0.91 3.28
N VAL E 103 23.81 2.20 3.01
CA VAL E 103 24.60 3.26 3.62
C VAL E 103 23.71 4.33 4.24
N ALA E 104 23.77 4.46 5.57
CA ALA E 104 22.92 5.45 6.26
C ALA E 104 23.67 6.75 6.51
N ARG E 105 23.04 7.87 6.15
CA ARG E 105 23.53 9.20 6.51
C ARG E 105 22.44 9.97 7.23
N ALA E 106 22.84 10.81 8.18
CA ALA E 106 21.87 11.57 8.97
C ALA E 106 21.32 12.73 8.16
N ILE E 107 20.00 12.91 8.20
CA ILE E 107 19.38 14.10 7.61
C ILE E 107 19.16 15.14 8.69
N HIS E 108 18.75 14.66 9.86
CA HIS E 108 18.37 15.51 10.99
C HIS E 108 18.48 14.69 12.25
N LEU E 109 19.16 15.20 13.26
CA LEU E 109 19.16 14.55 14.57
C LEU E 109 18.58 15.53 15.57
N GLY E 110 17.27 15.46 15.78
CA GLY E 110 16.61 16.31 16.75
C GLY E 110 16.74 15.63 18.09
N ARG E 111 16.07 16.14 19.11
CA ARG E 111 16.15 15.50 20.41
C ARG E 111 15.02 14.50 20.59
N THR E 112 13.95 14.66 19.81
CA THR E 112 12.82 13.74 19.84
C THR E 112 12.82 12.78 18.66
N THR E 113 13.32 13.22 17.51
CA THR E 113 13.30 12.37 16.33
C THR E 113 14.61 12.48 15.57
N HIS E 114 14.98 11.39 14.89
CA HIS E 114 16.09 11.42 13.94
C HIS E 114 15.53 11.03 12.58
N VAL E 115 16.09 11.61 11.52
CA VAL E 115 15.72 11.24 10.15
C VAL E 115 16.97 10.76 9.41
N TRP E 116 16.94 9.51 8.95
CA TRP E 116 18.06 8.88 8.24
C TRP E 116 17.77 8.69 6.76
N ASP E 117 18.75 9.03 5.93
CA ASP E 117 18.74 8.73 4.50
C ASP E 117 19.51 7.43 4.27
N ILE E 118 18.86 6.43 3.70
CA ILE E 118 19.49 5.11 3.51
C ILE E 118 19.48 4.70 2.04
N ARG E 119 20.67 4.52 1.48
CA ARG E 119 20.79 4.15 0.06
C ARG E 119 21.28 2.72 -0.08
N LEU E 120 20.58 1.93 -0.88
CA LEU E 120 20.94 0.53 -1.08
C LEU E 120 21.42 0.30 -2.50
N SER E 121 22.41 -0.58 -2.64
CA SER E 121 22.92 -0.94 -3.96
C SER E 121 23.37 -2.39 -3.97
N GLY E 122 23.28 -3.01 -5.15
CA GLY E 122 23.78 -4.36 -5.32
C GLY E 122 25.29 -4.33 -5.52
N ASP E 123 25.86 -5.49 -5.84
CA ASP E 123 27.30 -5.62 -6.03
C ASP E 123 27.80 -4.81 -7.22
N ASP E 124 26.92 -4.51 -8.17
CA ASP E 124 27.29 -3.73 -9.33
C ASP E 124 27.37 -2.24 -9.02
N GLY E 125 27.03 -1.87 -7.78
CA GLY E 125 27.12 -0.49 -7.35
C GLY E 125 25.97 0.40 -7.78
N LYS E 126 25.06 -0.15 -8.59
CA LYS E 126 23.87 0.59 -9.02
C LYS E 126 22.86 0.71 -7.88
N PRO E 127 22.19 1.86 -7.77
CA PRO E 127 21.16 2.05 -6.74
C PRO E 127 20.04 1.04 -6.94
N SER E 128 19.67 0.30 -5.90
CA SER E 128 18.60 -0.69 -6.01
C SER E 128 17.37 -0.27 -5.20
N CYS E 129 17.57 0.51 -4.15
CA CYS E 129 16.48 0.97 -3.29
C CYS E 129 16.94 2.21 -2.54
N ILE E 130 16.01 3.12 -2.27
CA ILE E 130 16.29 4.26 -1.39
C ILE E 130 15.22 4.34 -0.31
N ALA E 131 15.64 4.48 0.94
CA ALA E 131 14.72 4.52 2.05
C ALA E 131 14.97 5.76 2.89
N ARG E 132 13.93 6.19 3.58
CA ARG E 132 14.09 7.23 4.60
C ARG E 132 13.40 6.74 5.84
N LEU E 133 14.11 6.86 6.96
CA LEU E 133 13.64 6.35 8.23
C LEU E 133 13.50 7.47 9.25
N THR E 134 12.35 7.50 9.92
CA THR E 134 12.14 8.44 11.00
C THR E 134 12.15 7.64 12.30
N MET E 135 13.08 7.98 13.18
CA MET E 135 13.21 7.31 14.47
C MET E 135 12.64 8.20 15.58
N ALA E 136 12.01 7.58 16.57
CA ALA E 136 11.57 8.33 17.74
C ALA E 136 12.57 8.10 18.88
N VAL E 137 12.95 9.19 19.55
CA VAL E 137 13.89 9.11 20.65
C VAL E 137 13.11 9.23 21.95
N VAL E 138 13.08 8.15 22.73
CA VAL E 138 12.21 8.06 23.90
C VAL E 138 12.99 7.88 25.20
N PRO E 139 12.74 8.75 26.20
CA PRO E 139 13.38 8.62 27.51
C PRO E 139 13.05 7.29 28.17
N LEU E 140 13.87 6.88 29.14
CA LEU E 140 13.61 5.63 29.86
C LEU E 140 12.72 5.80 31.10
N SER F 2 -14.64 -10.48 -6.40
CA SER F 2 -14.98 -9.30 -7.20
C SER F 2 -13.77 -8.40 -7.43
N LEU F 3 -12.75 -8.54 -6.60
CA LEU F 3 -11.47 -7.92 -6.85
C LEU F 3 -10.59 -8.82 -7.70
N TRP F 4 -10.67 -10.10 -7.41
CA TRP F 4 -9.77 -11.08 -7.92
C TRP F 4 -10.14 -11.52 -9.28
N ARG F 5 -9.16 -11.82 -10.11
CA ARG F 5 -9.45 -12.54 -11.34
C ARG F 5 -9.94 -13.96 -11.05
N GLN F 6 -9.12 -14.71 -10.35
CA GLN F 6 -9.46 -16.06 -10.02
C GLN F 6 -9.61 -16.18 -8.53
N THR F 7 -10.48 -17.04 -8.09
CA THR F 7 -10.56 -17.31 -6.69
C THR F 7 -9.16 -17.60 -6.14
N PRO F 8 -8.77 -16.92 -5.08
CA PRO F 8 -7.49 -17.25 -4.45
C PRO F 8 -7.49 -18.65 -3.83
N ASP F 9 -6.37 -19.35 -3.97
CA ASP F 9 -6.16 -20.66 -3.39
C ASP F 9 -5.10 -20.44 -2.31
N LEU F 10 -5.54 -20.30 -1.07
CA LEU F 10 -4.64 -19.89 0.02
C LEU F 10 -3.48 -20.85 0.22
N GLU F 11 -3.73 -22.15 0.03
CA GLU F 11 -2.65 -23.11 0.17
C GLU F 11 -1.58 -22.88 -0.89
N GLN F 12 -2.02 -22.66 -2.13
CA GLN F 12 -1.12 -22.30 -3.22
C GLN F 12 -0.30 -21.05 -2.87
N LEU F 13 -0.97 -20.05 -2.31
CA LEU F 13 -0.29 -18.81 -1.94
C LEU F 13 0.84 -19.13 -0.97
N ASN F 14 0.50 -19.85 0.10
CA ASN F 14 1.51 -20.23 1.07
C ASN F 14 2.62 -21.10 0.50
N ALA F 15 2.25 -22.11 -0.28
CA ALA F 15 3.24 -22.99 -0.89
C ALA F 15 4.21 -22.20 -1.78
N SER F 16 3.70 -21.13 -2.43
CA SER F 16 4.54 -20.35 -3.36
C SER F 16 5.71 -19.66 -2.66
N GLN F 17 5.63 -19.55 -1.33
CA GLN F 17 6.69 -18.86 -0.58
C GLN F 17 7.81 -19.78 -0.16
N LYS F 18 7.69 -21.07 -0.47
CA LYS F 18 8.70 -22.05 -0.07
C LYS F 18 10.08 -21.59 -0.53
N ASN F 19 11.03 -21.57 0.41
CA ASN F 19 12.40 -21.09 0.16
C ASN F 19 12.52 -19.60 -0.20
N SER F 20 11.66 -18.78 0.37
CA SER F 20 11.78 -17.34 0.26
C SER F 20 11.64 -16.78 1.67
N ILE F 21 11.79 -15.46 1.82
CA ILE F 21 11.76 -14.86 3.15
C ILE F 21 10.44 -15.12 3.88
N GLY F 22 9.35 -15.18 3.12
CA GLY F 22 8.02 -15.40 3.68
C GLY F 22 7.90 -16.72 4.42
N ASP F 23 8.47 -17.76 3.82
CA ASP F 23 8.51 -19.08 4.46
C ASP F 23 9.41 -19.01 5.69
N LEU F 24 10.53 -18.32 5.55
CA LEU F 24 11.48 -18.22 6.64
C LEU F 24 10.92 -17.49 7.87
N LEU F 25 10.11 -16.46 7.62
CA LEU F 25 9.56 -15.65 8.72
C LEU F 25 8.21 -16.15 9.18
N GLY F 26 7.65 -17.14 8.49
CA GLY F 26 6.39 -17.73 8.92
C GLY F 26 5.18 -16.90 8.51
N ILE F 27 5.34 -16.14 7.44
CA ILE F 27 4.24 -15.40 6.88
C ILE F 27 3.23 -16.38 6.29
N ARG F 28 1.96 -16.20 6.62
CA ARG F 28 0.91 -17.14 6.28
C ARG F 28 -0.37 -16.46 5.82
N PHE F 29 -0.76 -16.71 4.57
CA PHE F 29 -2.04 -16.25 4.07
C PHE F 29 -3.17 -17.00 4.77
N GLU F 30 -4.08 -16.24 5.38
CA GLU F 30 -5.05 -16.73 6.35
C GLU F 30 -6.46 -16.73 5.79
N ALA F 31 -6.76 -15.75 4.95
CA ALA F 31 -8.14 -15.48 4.59
C ALA F 31 -8.25 -14.50 3.45
N PHE F 32 -9.43 -14.48 2.82
CA PHE F 32 -9.75 -13.50 1.81
C PHE F 32 -11.25 -13.39 1.72
N ASP F 33 -11.71 -12.25 1.20
CA ASP F 33 -13.09 -12.13 0.77
C ASP F 33 -13.14 -11.37 -0.54
N ASP F 34 -14.28 -10.79 -0.85
CA ASP F 34 -14.44 -10.10 -2.13
C ASP F 34 -13.55 -8.87 -2.21
N GLU F 35 -13.27 -8.27 -1.05
CA GLU F 35 -12.65 -6.94 -0.98
C GLU F 35 -11.26 -6.92 -0.35
N SER F 36 -10.81 -8.05 0.19
CA SER F 36 -9.58 -8.05 0.98
C SER F 36 -8.81 -9.36 0.97
N LEU F 37 -7.56 -9.27 1.41
CA LEU F 37 -6.70 -10.43 1.57
C LEU F 37 -6.01 -10.26 2.91
N THR F 38 -5.88 -11.36 3.66
CA THR F 38 -5.33 -11.31 5.01
C THR F 38 -4.17 -12.30 5.13
N ALA F 39 -3.10 -11.88 5.81
CA ALA F 39 -1.98 -12.75 6.12
C ALA F 39 -1.49 -12.39 7.51
N SER F 40 -0.87 -13.34 8.22
CA SER F 40 -0.33 -13.07 9.55
C SER F 40 1.14 -13.47 9.59
N MET F 41 1.80 -13.22 10.72
CA MET F 41 3.24 -13.46 10.85
C MET F 41 3.58 -13.57 12.33
N PRO F 42 4.40 -14.56 12.70
CA PRO F 42 4.66 -14.72 14.13
C PRO F 42 5.51 -13.56 14.65
N VAL F 43 5.31 -13.19 15.92
CA VAL F 43 6.20 -12.26 16.58
C VAL F 43 7.06 -13.05 17.55
N ASP F 44 8.22 -13.49 17.06
CA ASP F 44 9.18 -14.22 17.87
C ASP F 44 10.59 -13.88 17.39
N SER F 45 11.58 -14.67 17.78
CA SER F 45 12.97 -14.28 17.54
C SER F 45 13.30 -14.23 16.05
N ARG F 46 12.48 -14.86 15.21
CA ARG F 46 12.68 -14.73 13.76
C ARG F 46 12.36 -13.31 13.31
N THR F 47 11.52 -12.61 14.08
CA THR F 47 11.00 -11.32 13.63
C THR F 47 11.32 -10.18 14.57
N HIS F 48 11.92 -10.50 15.72
CA HIS F 48 12.32 -9.50 16.70
C HIS F 48 13.49 -8.63 16.25
N ALA F 49 13.39 -7.33 16.54
CA ALA F 49 14.52 -6.42 16.50
C ALA F 49 15.36 -6.78 17.72
N PRO F 50 16.63 -6.29 17.79
CA PRO F 50 17.51 -6.71 18.89
C PRO F 50 16.97 -6.45 20.30
N PHE F 51 16.05 -5.51 20.47
CA PHE F 51 15.51 -5.27 21.80
C PHE F 51 14.19 -5.96 22.14
N GLY F 52 13.88 -7.03 21.42
CA GLY F 52 12.75 -7.89 21.78
C GLY F 52 11.38 -7.51 21.22
N LEU F 53 11.30 -6.36 20.56
CA LEU F 53 10.07 -5.94 19.89
C LEU F 53 10.09 -6.40 18.44
N LEU F 54 8.90 -6.62 17.88
CA LEU F 54 8.75 -6.86 16.44
C LEU F 54 9.53 -5.82 15.67
N HIS F 55 10.41 -6.27 14.79
CA HIS F 55 11.22 -5.37 13.97
C HIS F 55 10.31 -4.67 12.96
N GLY F 56 10.42 -3.35 12.88
CA GLY F 56 9.53 -2.59 12.01
C GLY F 56 9.64 -3.00 10.54
N GLY F 57 10.82 -3.46 10.15
CA GLY F 57 11.02 -3.89 8.77
C GLY F 57 10.30 -5.20 8.51
N ALA F 58 10.12 -6.00 9.55
CA ALA F 58 9.39 -7.26 9.39
C ALA F 58 7.91 -6.98 9.17
N SER F 59 7.40 -5.89 9.74
CA SER F 59 6.01 -5.51 9.45
C SER F 59 5.87 -5.25 7.98
N VAL F 60 6.90 -4.62 7.41
CA VAL F 60 6.92 -4.23 6.00
C VAL F 60 7.07 -5.44 5.06
N VAL F 61 7.81 -6.46 5.50
CA VAL F 61 7.84 -7.73 4.76
C VAL F 61 6.45 -8.34 4.66
N LEU F 62 5.74 -8.39 5.78
CA LEU F 62 4.38 -8.92 5.78
C LEU F 62 3.52 -8.09 4.85
N ALA F 63 3.52 -6.77 5.07
CA ALA F 63 2.68 -5.87 4.28
C ALA F 63 3.00 -5.97 2.79
N GLU F 64 4.28 -6.04 2.45
CA GLU F 64 4.66 -6.12 1.04
C GLU F 64 4.43 -7.49 0.40
N SER F 65 4.68 -8.57 1.15
CA SER F 65 4.28 -9.90 0.69
C SER F 65 2.80 -9.92 0.37
N LEU F 66 2.02 -9.44 1.33
CA LEU F 66 0.57 -9.45 1.24
C LEU F 66 0.05 -8.61 0.07
N GLY F 67 0.50 -7.36 0.00
CA GLY F 67 0.07 -6.48 -1.08
C GLY F 67 0.52 -6.92 -2.47
N SER F 68 1.72 -7.46 -2.59
CA SER F 68 2.16 -7.93 -3.89
C SER F 68 1.35 -9.14 -4.36
N MET F 69 1.06 -10.05 -3.44
CA MET F 69 0.23 -11.20 -3.77
C MET F 69 -1.15 -10.76 -4.23
N ALA F 70 -1.72 -9.77 -3.53
CA ALA F 70 -3.02 -9.23 -3.89
C ALA F 70 -3.03 -8.69 -5.32
N SER F 71 -1.97 -7.97 -5.69
CA SER F 71 -1.85 -7.46 -7.06
C SER F 71 -1.79 -8.62 -8.05
N TYR F 72 -1.00 -9.62 -7.70
CA TYR F 72 -0.85 -10.81 -8.54
C TYR F 72 -2.22 -11.43 -8.84
N LEU F 73 -3.09 -11.47 -7.85
CA LEU F 73 -4.42 -12.06 -8.02
C LEU F 73 -5.37 -11.12 -8.78
N CYS F 74 -4.94 -9.88 -9.01
CA CYS F 74 -5.76 -8.88 -9.68
C CYS F 74 -5.32 -8.59 -11.12
N VAL F 75 -4.28 -9.24 -11.59
CA VAL F 75 -3.87 -9.04 -12.97
C VAL F 75 -3.86 -10.33 -13.79
N ASP F 76 -3.69 -10.16 -15.10
CA ASP F 76 -3.53 -11.28 -16.00
C ASP F 76 -2.13 -11.86 -15.81
N THR F 77 -2.02 -12.84 -14.92
CA THR F 77 -0.75 -13.51 -14.63
C THR F 77 -0.08 -14.13 -15.86
N SER F 78 -0.73 -14.05 -17.00
CA SER F 78 -0.15 -14.52 -18.26
C SER F 78 0.26 -13.32 -19.12
N GLN F 79 -0.31 -12.16 -18.81
CA GLN F 79 -0.06 -10.97 -19.61
C GLN F 79 0.72 -9.87 -18.85
N TYR F 80 0.45 -9.76 -17.55
CA TYR F 80 1.12 -8.77 -16.72
C TYR F 80 1.80 -9.41 -15.52
N TYR F 81 2.65 -8.62 -14.87
CA TYR F 81 3.12 -8.96 -13.53
C TYR F 81 3.39 -7.69 -12.74
N CYS F 82 3.73 -7.84 -11.47
CA CYS F 82 3.73 -6.71 -10.54
C CYS F 82 4.95 -6.73 -9.65
N VAL F 83 5.56 -5.55 -9.52
CA VAL F 83 6.67 -5.39 -8.58
C VAL F 83 6.39 -4.18 -7.71
N GLY F 84 6.86 -4.24 -6.47
CA GLY F 84 6.75 -3.12 -5.56
C GLY F 84 7.50 -1.93 -6.10
N LEU F 85 6.87 -0.77 -6.03
CA LEU F 85 7.46 0.46 -6.52
C LEU F 85 7.81 1.35 -5.33
N GLU F 86 6.84 1.54 -4.44
CA GLU F 86 6.96 2.40 -3.28
C GLU F 86 6.21 1.74 -2.14
N VAL F 87 6.74 1.83 -0.94
CA VAL F 87 6.05 1.32 0.25
C VAL F 87 6.34 2.29 1.39
N ASN F 88 5.38 2.46 2.28
CA ASN F 88 5.63 3.29 3.45
C ASN F 88 4.80 2.77 4.60
N ALA F 89 5.14 3.17 5.81
CA ALA F 89 4.51 2.59 6.98
C ALA F 89 4.73 3.45 8.21
N ASN F 90 3.69 3.57 9.04
CA ASN F 90 3.81 4.14 10.38
C ASN F 90 3.78 2.99 11.36
N HIS F 91 4.79 2.93 12.23
CA HIS F 91 4.80 1.96 13.32
C HIS F 91 4.06 2.57 14.50
N LEU F 92 2.98 1.91 14.94
CA LEU F 92 2.03 2.52 15.88
C LEU F 92 2.18 2.05 17.33
N ARG F 93 2.38 0.74 17.52
CA ARG F 93 2.53 0.12 18.83
C ARG F 93 3.58 -0.95 18.68
N GLY F 94 4.36 -1.20 19.72
CA GLY F 94 5.29 -2.31 19.72
C GLY F 94 4.57 -3.63 20.00
N LEU F 95 5.07 -4.71 19.40
CA LEU F 95 4.55 -6.04 19.70
C LEU F 95 5.70 -6.93 20.17
N ARG F 96 5.43 -7.76 21.16
CA ARG F 96 6.44 -8.61 21.77
C ARG F 96 6.23 -10.10 21.47
N SER F 97 4.97 -10.51 21.34
CA SER F 97 4.67 -11.93 21.14
C SER F 97 3.33 -12.12 20.43
N GLY F 98 2.96 -13.37 20.21
CA GLY F 98 1.75 -13.69 19.46
C GLY F 98 1.99 -13.53 17.97
N ARG F 99 0.95 -13.18 17.22
CA ARG F 99 1.11 -12.90 15.81
C ARG F 99 0.65 -11.50 15.47
N VAL F 100 1.18 -10.97 14.38
CA VAL F 100 0.67 -9.74 13.80
C VAL F 100 -0.10 -10.09 12.54
N THR F 101 -1.30 -9.53 12.43
CA THR F 101 -2.20 -9.85 11.32
C THR F 101 -2.36 -8.64 10.41
N ALA F 102 -2.20 -8.85 9.10
CA ALA F 102 -2.25 -7.77 8.12
C ALA F 102 -3.44 -7.96 7.19
N VAL F 103 -4.20 -6.89 6.98
CA VAL F 103 -5.33 -6.93 6.05
C VAL F 103 -5.13 -5.92 4.93
N ALA F 104 -5.14 -6.39 3.68
CA ALA F 104 -4.96 -5.48 2.53
C ALA F 104 -6.28 -5.19 1.83
N ARG F 105 -6.57 -3.92 1.59
CA ARG F 105 -7.70 -3.52 0.77
C ARG F 105 -7.22 -2.61 -0.34
N ALA F 106 -7.91 -2.62 -1.48
CA ALA F 106 -7.49 -1.79 -2.61
C ALA F 106 -7.95 -0.35 -2.45
N ILE F 107 -7.03 0.60 -2.66
CA ILE F 107 -7.38 2.01 -2.70
C ILE F 107 -7.63 2.38 -4.16
N HIS F 108 -6.81 1.80 -5.02
CA HIS F 108 -6.82 2.17 -6.43
C HIS F 108 -6.22 1.01 -7.19
N LEU F 109 -6.89 0.57 -8.25
CA LEU F 109 -6.36 -0.44 -9.15
C LEU F 109 -6.42 0.13 -10.56
N GLY F 110 -5.26 0.47 -11.13
CA GLY F 110 -5.22 1.10 -12.44
C GLY F 110 -4.48 0.26 -13.45
N ARG F 111 -4.39 0.75 -14.69
CA ARG F 111 -3.72 0.04 -15.77
C ARG F 111 -2.26 -0.23 -15.43
N THR F 112 -1.60 0.78 -14.86
CA THR F 112 -0.17 0.68 -14.60
C THR F 112 0.23 0.64 -13.12
N THR F 113 -0.68 1.05 -12.23
CA THR F 113 -0.39 1.04 -10.80
C THR F 113 -1.54 0.49 -9.96
N HIS F 114 -1.20 -0.19 -8.87
CA HIS F 114 -2.15 -0.52 -7.83
C HIS F 114 -1.69 0.12 -6.53
N VAL F 115 -2.62 0.62 -5.74
CA VAL F 115 -2.29 1.13 -4.39
C VAL F 115 -3.08 0.36 -3.36
N TRP F 116 -2.39 -0.22 -2.38
CA TRP F 116 -3.02 -1.02 -1.35
C TRP F 116 -2.91 -0.39 0.02
N ASP F 117 -4.03 -0.37 0.74
CA ASP F 117 -4.03 0.01 2.15
C ASP F 117 -3.87 -1.25 2.99
N ILE F 118 -2.86 -1.29 3.86
CA ILE F 118 -2.62 -2.50 4.66
C ILE F 118 -2.59 -2.17 6.16
N ARG F 119 -3.52 -2.77 6.92
CA ARG F 119 -3.65 -2.49 8.35
C ARG F 119 -3.16 -3.70 9.14
N LEU F 120 -2.24 -3.46 10.08
CA LEU F 120 -1.67 -4.51 10.89
C LEU F 120 -2.06 -4.33 12.34
N SER F 121 -2.32 -5.45 13.01
CA SER F 121 -2.70 -5.45 14.41
C SER F 121 -2.16 -6.67 15.12
N GLY F 122 -1.82 -6.51 16.40
CA GLY F 122 -1.44 -7.65 17.23
C GLY F 122 -2.65 -8.46 17.66
N ASP F 123 -2.40 -9.53 18.41
CA ASP F 123 -3.47 -10.45 18.80
C ASP F 123 -4.54 -9.84 19.70
N ASP F 124 -4.27 -8.65 20.23
CA ASP F 124 -5.25 -7.95 21.06
C ASP F 124 -6.17 -7.10 20.19
N GLY F 125 -5.97 -7.19 18.87
CA GLY F 125 -6.82 -6.54 17.90
C GLY F 125 -6.56 -5.06 17.73
N LYS F 126 -5.59 -4.52 18.46
CA LYS F 126 -5.26 -3.10 18.34
C LYS F 126 -4.28 -2.86 17.21
N PRO F 127 -4.45 -1.74 16.48
CA PRO F 127 -3.56 -1.35 15.37
C PRO F 127 -2.11 -1.33 15.81
N SER F 128 -1.21 -1.99 15.07
CA SER F 128 0.21 -1.96 15.41
C SER F 128 1.02 -1.23 14.36
N CYS F 129 0.52 -1.22 13.14
CA CYS F 129 1.25 -0.62 12.02
C CYS F 129 0.26 -0.35 10.92
N ILE F 130 0.45 0.74 10.18
CA ILE F 130 -0.34 0.93 8.98
C ILE F 130 0.61 1.19 7.84
N ALA F 131 0.36 0.52 6.71
CA ALA F 131 1.24 0.63 5.57
C ALA F 131 0.45 1.00 4.32
N ARG F 132 1.13 1.62 3.37
CA ARG F 132 0.59 1.84 2.03
C ARG F 132 1.62 1.36 1.01
N LEU F 133 1.17 0.59 0.03
CA LEU F 133 2.06 -0.02 -0.96
C LEU F 133 1.66 0.33 -2.38
N THR F 134 2.61 0.82 -3.16
CA THR F 134 2.37 1.07 -4.58
C THR F 134 3.04 -0.01 -5.44
N MET F 135 2.23 -0.73 -6.21
CA MET F 135 2.72 -1.75 -7.12
C MET F 135 2.77 -1.21 -8.55
N ALA F 136 3.81 -1.57 -9.29
CA ALA F 136 3.87 -1.27 -10.72
C ALA F 136 3.36 -2.48 -11.50
N VAL F 137 2.41 -2.27 -12.41
CA VAL F 137 1.91 -3.33 -13.29
C VAL F 137 2.69 -3.32 -14.59
N VAL F 138 3.50 -4.35 -14.83
CA VAL F 138 4.33 -4.38 -16.03
C VAL F 138 4.09 -5.61 -16.94
N PRO F 139 4.08 -5.39 -18.28
CA PRO F 139 3.89 -6.39 -19.33
C PRO F 139 4.79 -7.62 -19.19
N LEU F 140 4.17 -8.79 -19.13
CA LEU F 140 4.88 -10.04 -18.89
C LEU F 140 5.67 -10.49 -20.12
#